data_5UI9
#
_entry.id   5UI9
#
_cell.length_a   137.881
_cell.length_b   112.771
_cell.length_c   65.371
_cell.angle_alpha   90.00
_cell.angle_beta   94.70
_cell.angle_gamma   90.00
#
_symmetry.space_group_name_H-M   'C 1 2 1'
#
loop_
_entity.id
_entity.type
_entity.pdbx_description
1 polymer 'Oxidoreductase protein'
2 non-polymer NICOTINAMIDE-ADENINE-DINUCLEOTIDE
3 non-polymer '(2S)-2,3-dihydroxy-2-methylpropanoic acid'
4 non-polymer 'MAGNESIUM ION'
5 water water
#
_entity_poly.entity_id   1
_entity_poly.type   'polypeptide(L)'
_entity_poly.pdbx_seq_one_letter_code
;MNMTELKGALIGCGFFAVNQMHAWKDVKGAGIAAICDRDPKRLKLVGDQFGIERRYGDAAALFADGGFDFVDIATTVQSH
RALVEMAAAHKVPAICQKPFAKSLSDAKAMVRTCENADIPLMVHENFRWQTPIQAVKAVLESGAIGEPFWGRFSFRSGFD
VFSGQPYLAEGERFIIEDLGIHTLDIARFILGDVATLTARTKRVNPKIKGEDVATILLDHQNGATSIVDVSYATKLGTEP
FPETLIDIDGTQGTIRLSQGYRLEVTGPNGMTISDASPQLLSWASRPWHNIQESVLAIQQHWTDRLSSGGETSTSGADNL
KTFALVEAAYESAANGRTVDIGAML
;
_entity_poly.pdbx_strand_id   A,B
#
loop_
_chem_comp.id
_chem_comp.type
_chem_comp.name
_chem_comp.formula
8A1 non-polymer '(2S)-2,3-dihydroxy-2-methylpropanoic acid' 'C4 H8 O4'
MG non-polymer 'MAGNESIUM ION' 'Mg 2'
NAD non-polymer NICOTINAMIDE-ADENINE-DINUCLEOTIDE 'C21 H27 N7 O14 P2'
#
# COMPACT_ATOMS: atom_id res chain seq x y z
N THR A 4 12.14 -28.32 37.88
CA THR A 4 13.07 -27.17 38.14
C THR A 4 12.56 -25.86 37.53
N GLU A 5 12.58 -24.80 38.33
CA GLU A 5 12.01 -23.49 37.98
C GLU A 5 13.15 -22.54 37.63
N LEU A 6 13.16 -22.01 36.40
CA LEU A 6 14.15 -21.00 36.01
C LEU A 6 13.89 -19.68 36.73
N LYS A 7 14.97 -19.00 37.11
CA LYS A 7 14.90 -17.76 37.88
C LYS A 7 15.45 -16.62 37.04
N GLY A 8 14.62 -15.60 36.81
CA GLY A 8 15.02 -14.45 35.98
C GLY A 8 15.33 -13.23 36.81
N ALA A 9 16.15 -12.35 36.25
CA ALA A 9 16.31 -10.99 36.76
C ALA A 9 15.86 -10.05 35.68
N LEU A 10 14.98 -9.10 36.01
CA LEU A 10 14.52 -8.11 35.04
C LEU A 10 15.21 -6.77 35.32
N ILE A 11 15.76 -6.17 34.27
CA ILE A 11 16.46 -4.88 34.37
C ILE A 11 15.69 -3.87 33.52
N GLY A 12 15.17 -2.83 34.18
CA GLY A 12 14.39 -1.77 33.55
C GLY A 12 12.94 -1.92 33.96
N CYS A 13 12.59 -1.40 35.13
CA CYS A 13 11.25 -1.55 35.72
C CYS A 13 10.31 -0.42 35.27
N GLY A 14 10.22 -0.21 33.96
CA GLY A 14 9.51 0.94 33.41
C GLY A 14 8.07 0.65 33.05
N PHE A 15 7.56 1.46 32.12
CA PHE A 15 6.18 1.38 31.65
C PHE A 15 5.83 -0.02 31.12
N PHE A 16 6.58 -0.49 30.12
CA PHE A 16 6.26 -1.76 29.50
C PHE A 16 6.66 -2.98 30.33
N ALA A 17 7.69 -2.86 31.17
CA ALA A 17 8.14 -3.98 32.01
C ALA A 17 7.09 -4.53 32.96
N VAL A 18 6.12 -3.71 33.36
CA VAL A 18 4.99 -4.15 34.19
C VAL A 18 4.24 -5.29 33.50
N ASN A 19 4.09 -5.20 32.17
CA ASN A 19 3.48 -6.27 31.37
C ASN A 19 4.35 -7.53 31.37
N GLN A 20 5.66 -7.34 31.24
CA GLN A 20 6.60 -8.46 31.24
C GLN A 20 6.60 -9.18 32.59
N MET A 21 6.53 -8.41 33.67
CA MET A 21 6.41 -8.94 35.04
C MET A 21 5.11 -9.73 35.27
N HIS A 22 3.97 -9.19 34.82
CA HIS A 22 2.71 -9.94 34.88
C HIS A 22 2.86 -11.26 34.13
N ALA A 23 3.38 -11.18 32.91
CA ALA A 23 3.54 -12.37 32.06
C ALA A 23 4.48 -13.42 32.67
N TRP A 24 5.57 -12.99 33.30
CA TRP A 24 6.49 -13.94 33.94
C TRP A 24 5.83 -14.76 35.04
N LYS A 25 4.88 -14.17 35.75
CA LYS A 25 4.08 -14.89 36.75
C LYS A 25 3.27 -16.00 36.08
N ASP A 26 2.58 -15.67 34.98
CA ASP A 26 1.82 -16.66 34.18
C ASP A 26 2.69 -17.71 33.47
N VAL A 27 3.94 -17.38 33.14
CA VAL A 27 4.82 -18.34 32.45
C VAL A 27 5.03 -19.57 33.33
N LYS A 28 4.89 -20.74 32.74
CA LYS A 28 5.20 -22.00 33.40
C LYS A 28 6.66 -22.43 33.13
N GLY A 29 7.38 -22.68 34.22
CA GLY A 29 8.78 -23.06 34.18
C GLY A 29 9.75 -21.91 34.44
N ALA A 30 9.24 -20.73 34.76
CA ALA A 30 10.08 -19.58 35.07
C ALA A 30 9.36 -18.52 35.90
N GLY A 31 10.16 -17.75 36.66
CA GLY A 31 9.67 -16.59 37.39
C GLY A 31 10.80 -15.61 37.67
N ILE A 32 10.44 -14.42 38.14
CA ILE A 32 11.43 -13.35 38.41
C ILE A 32 11.85 -13.37 39.89
N ALA A 33 13.15 -13.53 40.13
CA ALA A 33 13.74 -13.56 41.47
C ALA A 33 14.40 -12.23 41.87
N ALA A 34 14.67 -11.35 40.90
CA ALA A 34 15.36 -10.09 41.17
C ALA A 34 14.99 -9.04 40.13
N ILE A 35 14.96 -7.78 40.55
CA ILE A 35 14.72 -6.66 39.65
C ILE A 35 15.76 -5.55 39.86
N CYS A 36 15.91 -4.73 38.83
CA CYS A 36 16.92 -3.68 38.80
C CYS A 36 16.38 -2.45 38.08
N ASP A 37 16.60 -1.27 38.67
CA ASP A 37 16.30 0.00 38.03
C ASP A 37 17.11 1.12 38.69
N ARG A 38 17.61 2.06 37.87
CA ARG A 38 18.32 3.24 38.37
C ARG A 38 17.41 4.20 39.16
N ASP A 39 16.12 4.17 38.84
CA ASP A 39 15.11 5.02 39.49
C ASP A 39 14.50 4.24 40.67
N PRO A 40 14.82 4.63 41.92
CA PRO A 40 14.28 3.86 43.06
C PRO A 40 12.76 3.95 43.26
N LYS A 41 12.09 4.92 42.65
CA LYS A 41 10.62 5.00 42.69
C LYS A 41 10.00 3.85 41.88
N ARG A 42 10.61 3.54 40.72
CA ARG A 42 10.17 2.40 39.89
C ARG A 42 10.52 1.06 40.53
N LEU A 43 11.71 0.99 41.12
CA LEU A 43 12.16 -0.20 41.83
C LEU A 43 11.23 -0.53 43.01
N LYS A 44 10.81 0.49 43.74
CA LYS A 44 9.85 0.36 44.85
C LYS A 44 8.47 -0.07 44.35
N LEU A 45 7.96 0.62 43.33
CA LEU A 45 6.61 0.39 42.81
C LEU A 45 6.47 -1.02 42.23
N VAL A 46 7.39 -1.40 41.35
CA VAL A 46 7.37 -2.71 40.71
C VAL A 46 7.72 -3.83 41.70
N GLY A 47 8.68 -3.57 42.59
CA GLY A 47 9.05 -4.53 43.63
C GLY A 47 7.89 -4.87 44.55
N ASP A 48 7.18 -3.83 45.02
CA ASP A 48 6.01 -4.01 45.88
C ASP A 48 4.84 -4.68 45.17
N GLN A 49 4.53 -4.22 43.96
CA GLN A 49 3.45 -4.77 43.15
C GLN A 49 3.58 -6.29 42.95
N PHE A 50 4.80 -6.74 42.63
CA PHE A 50 5.05 -8.14 42.28
C PHE A 50 5.76 -8.96 43.37
N GLY A 51 5.95 -8.37 44.55
CA GLY A 51 6.52 -9.07 45.71
C GLY A 51 7.95 -9.55 45.51
N ILE A 52 8.80 -8.70 44.93
CA ILE A 52 10.20 -9.07 44.66
C ILE A 52 11.09 -8.51 45.78
N GLU A 53 11.75 -9.40 46.52
CA GLU A 53 12.61 -9.00 47.66
C GLU A 53 13.93 -8.42 47.19
N ARG A 54 14.58 -9.08 46.23
CA ARG A 54 15.89 -8.67 45.72
C ARG A 54 15.75 -7.51 44.74
N ARG A 55 16.28 -6.34 45.12
CA ARG A 55 16.10 -5.11 44.37
C ARG A 55 17.43 -4.40 44.27
N TYR A 56 17.84 -4.07 43.03
CA TYR A 56 19.15 -3.50 42.75
C TYR A 56 19.04 -2.13 42.10
N GLY A 57 19.90 -1.21 42.56
CA GLY A 57 20.02 0.11 41.97
C GLY A 57 20.89 0.17 40.72
N ASP A 58 21.67 -0.89 40.47
CA ASP A 58 22.49 -0.98 39.26
C ASP A 58 22.76 -2.43 38.85
N ALA A 59 22.84 -2.66 37.54
CA ALA A 59 22.98 -3.98 36.97
C ALA A 59 24.31 -4.65 37.33
N ALA A 60 25.39 -3.87 37.47
CA ALA A 60 26.70 -4.43 37.82
C ALA A 60 26.66 -5.22 39.12
N ALA A 61 26.01 -4.65 40.14
CA ALA A 61 25.84 -5.30 41.44
C ALA A 61 24.95 -6.54 41.32
N LEU A 62 23.84 -6.42 40.59
CA LEU A 62 22.96 -7.54 40.31
C LEU A 62 23.73 -8.74 39.75
N PHE A 63 24.51 -8.51 38.70
CA PHE A 63 25.32 -9.57 38.10
C PHE A 63 26.40 -10.12 39.03
N ALA A 64 27.00 -9.26 39.84
CA ALA A 64 28.00 -9.67 40.82
C ALA A 64 27.43 -10.64 41.86
N ASP A 65 26.26 -10.33 42.39
CA ASP A 65 25.54 -11.22 43.31
C ASP A 65 25.04 -12.50 42.62
N GLY A 66 24.58 -12.36 41.39
CA GLY A 66 24.10 -13.49 40.60
C GLY A 66 22.85 -14.11 41.19
N GLY A 67 22.74 -15.43 41.10
CA GLY A 67 21.60 -16.17 41.60
C GLY A 67 20.40 -16.21 40.65
N PHE A 68 20.65 -16.05 39.34
CA PHE A 68 19.60 -16.13 38.32
C PHE A 68 20.08 -16.82 37.04
N ASP A 69 19.16 -17.52 36.39
CA ASP A 69 19.44 -18.30 35.17
C ASP A 69 19.31 -17.49 33.87
N PHE A 70 18.56 -16.39 33.90
CA PHE A 70 18.49 -15.52 32.73
C PHE A 70 18.20 -14.08 33.12
N VAL A 71 18.42 -13.19 32.15
CA VAL A 71 18.18 -11.78 32.35
C VAL A 71 17.19 -11.27 31.29
N ASP A 72 16.23 -10.45 31.74
CA ASP A 72 15.25 -9.81 30.88
C ASP A 72 15.51 -8.30 30.88
N ILE A 73 16.05 -7.81 29.77
CA ILE A 73 16.41 -6.39 29.66
C ILE A 73 15.25 -5.63 29.03
N ALA A 74 14.55 -4.85 29.86
CA ALA A 74 13.42 -4.02 29.44
C ALA A 74 13.70 -2.51 29.55
N THR A 75 14.97 -2.13 29.49
CA THR A 75 15.34 -0.72 29.47
C THR A 75 15.14 -0.14 28.07
N THR A 76 15.27 1.18 27.96
CA THR A 76 15.33 1.83 26.65
C THR A 76 16.66 1.48 25.97
N VAL A 77 16.75 1.79 24.68
CA VAL A 77 17.84 1.34 23.81
C VAL A 77 19.28 1.73 24.23
N GLN A 78 19.42 2.87 24.91
CA GLN A 78 20.72 3.43 25.30
C GLN A 78 21.60 2.41 26.03
N SER A 79 21.00 1.64 26.94
CA SER A 79 21.74 0.70 27.76
C SER A 79 21.72 -0.77 27.28
N HIS A 80 21.12 -1.06 26.12
CA HIS A 80 21.01 -2.45 25.65
C HIS A 80 22.35 -3.13 25.41
N ARG A 81 23.25 -2.45 24.69
CA ARG A 81 24.53 -3.05 24.31
C ARG A 81 25.34 -3.42 25.54
N ALA A 82 25.44 -2.49 26.49
CA ALA A 82 26.19 -2.73 27.72
C ALA A 82 25.59 -3.88 28.54
N LEU A 83 24.27 -3.92 28.65
CA LEU A 83 23.60 -4.95 29.46
C LEU A 83 23.72 -6.35 28.84
N VAL A 84 23.66 -6.44 27.51
CA VAL A 84 23.88 -7.70 26.81
C VAL A 84 25.34 -8.15 26.98
N GLU A 85 26.28 -7.21 26.89
CA GLU A 85 27.70 -7.50 27.12
C GLU A 85 27.98 -8.01 28.55
N MET A 86 27.34 -7.40 29.56
CA MET A 86 27.43 -7.84 30.95
C MET A 86 26.88 -9.26 31.12
N ALA A 87 25.76 -9.53 30.46
CA ALA A 87 25.15 -10.86 30.48
C ALA A 87 26.11 -11.90 29.90
N ALA A 88 26.69 -11.57 28.74
CA ALA A 88 27.62 -12.48 28.05
C ALA A 88 28.86 -12.80 28.89
N ALA A 89 29.46 -11.78 29.51
CA ALA A 89 30.63 -11.94 30.38
C ALA A 89 30.32 -12.75 31.64
N HIS A 90 29.10 -12.60 32.17
CA HIS A 90 28.64 -13.41 33.31
C HIS A 90 27.97 -14.73 32.92
N LYS A 91 28.00 -15.06 31.63
CA LYS A 91 27.40 -16.27 31.05
C LYS A 91 25.94 -16.49 31.46
N VAL A 92 25.16 -15.42 31.40
CA VAL A 92 23.75 -15.43 31.72
C VAL A 92 22.97 -15.25 30.41
N PRO A 93 22.11 -16.23 30.05
CA PRO A 93 21.21 -16.07 28.91
C PRO A 93 20.39 -14.78 29.00
N ALA A 94 20.23 -14.10 27.87
CA ALA A 94 19.68 -12.74 27.86
C ALA A 94 18.51 -12.56 26.90
N ILE A 95 17.48 -11.88 27.37
CA ILE A 95 16.42 -11.32 26.54
C ILE A 95 16.64 -9.81 26.48
N CYS A 96 16.45 -9.23 25.29
CA CYS A 96 16.64 -7.80 25.08
C CYS A 96 15.47 -7.19 24.31
N GLN A 97 14.89 -6.13 24.85
CA GLN A 97 13.79 -5.43 24.19
C GLN A 97 14.20 -4.77 22.88
N LYS A 98 13.19 -4.49 22.04
CA LYS A 98 13.38 -3.66 20.85
C LYS A 98 13.39 -2.18 21.29
N PRO A 99 13.94 -1.27 20.50
CA PRO A 99 14.88 -1.58 19.41
C PRO A 99 16.13 -2.29 19.94
N PHE A 100 16.58 -3.32 19.24
CA PHE A 100 17.70 -4.18 19.70
C PHE A 100 18.90 -3.34 20.11
N ALA A 101 19.37 -2.49 19.18
CA ALA A 101 20.52 -1.63 19.37
C ALA A 101 20.28 -0.28 18.73
N LYS A 102 21.24 0.63 18.92
CA LYS A 102 21.23 1.94 18.28
C LYS A 102 21.61 1.87 16.79
N SER A 103 22.40 0.85 16.41
CA SER A 103 22.80 0.66 15.02
C SER A 103 22.99 -0.83 14.73
N LEU A 104 23.04 -1.16 13.43
CA LEU A 104 23.26 -2.53 12.99
C LEU A 104 24.62 -3.05 13.48
N SER A 105 25.61 -2.16 13.43
CA SER A 105 26.97 -2.40 13.93
C SER A 105 27.00 -2.83 15.41
N ASP A 106 26.31 -2.08 16.26
CA ASP A 106 26.14 -2.46 17.68
C ASP A 106 25.41 -3.79 17.85
N ALA A 107 24.36 -3.99 17.05
CA ALA A 107 23.58 -5.22 17.10
C ALA A 107 24.43 -6.44 16.75
N LYS A 108 25.22 -6.33 15.68
CA LYS A 108 26.14 -7.40 15.27
C LYS A 108 27.15 -7.75 16.36
N ALA A 109 27.73 -6.74 17.02
CA ALA A 109 28.70 -6.98 18.11
C ALA A 109 28.04 -7.68 19.29
N MET A 110 26.81 -7.29 19.61
CA MET A 110 26.03 -7.93 20.68
C MET A 110 25.75 -9.41 20.36
N VAL A 111 25.39 -9.68 19.12
CA VAL A 111 25.18 -11.05 18.65
C VAL A 111 26.48 -11.85 18.72
N ARG A 112 27.58 -11.25 18.28
CA ARG A 112 28.89 -11.90 18.25
C ARG A 112 29.39 -12.27 19.66
N THR A 113 29.24 -11.34 20.60
CA THR A 113 29.66 -11.56 21.99
C THR A 113 28.88 -12.69 22.65
N CYS A 114 27.58 -12.75 22.40
CA CYS A 114 26.74 -13.80 22.97
C CYS A 114 27.06 -15.17 22.35
N GLU A 115 27.29 -15.22 21.04
CA GLU A 115 27.74 -16.46 20.38
C GLU A 115 29.09 -16.95 20.92
N ASN A 116 30.03 -16.02 21.13
CA ASN A 116 31.34 -16.33 21.72
C ASN A 116 31.26 -16.86 23.15
N ALA A 117 30.31 -16.34 23.92
CA ALA A 117 30.09 -16.78 25.30
C ALA A 117 29.19 -18.02 25.41
N ASP A 118 28.65 -18.49 24.28
CA ASP A 118 27.79 -19.67 24.20
C ASP A 118 26.55 -19.52 25.07
N ILE A 119 25.90 -18.36 24.94
CA ILE A 119 24.64 -18.09 25.65
C ILE A 119 23.56 -17.67 24.65
N PRO A 120 22.30 -18.11 24.89
CA PRO A 120 21.21 -17.63 24.06
C PRO A 120 20.96 -16.12 24.18
N LEU A 121 20.58 -15.50 23.07
CA LEU A 121 20.16 -14.10 23.04
C LEU A 121 18.89 -14.02 22.20
N MET A 122 17.81 -13.56 22.82
CA MET A 122 16.55 -13.35 22.12
C MET A 122 16.16 -11.88 22.19
N VAL A 123 15.70 -11.34 21.07
CA VAL A 123 15.10 -10.01 21.07
C VAL A 123 13.63 -10.16 21.42
N HIS A 124 13.16 -9.37 22.37
CA HIS A 124 11.73 -9.37 22.70
C HIS A 124 11.03 -8.61 21.56
N GLU A 125 10.73 -9.35 20.49
CA GLU A 125 10.03 -8.83 19.34
C GLU A 125 8.69 -9.57 19.26
N ASN A 126 7.65 -8.98 19.85
CA ASN A 126 6.42 -9.71 20.19
C ASN A 126 5.26 -9.60 19.20
N PHE A 127 5.39 -8.75 18.17
CA PHE A 127 4.28 -8.55 17.20
C PHE A 127 3.99 -9.79 16.39
N ARG A 128 5.04 -10.48 15.90
CA ARG A 128 4.85 -11.77 15.21
C ARG A 128 4.21 -12.86 16.09
N TRP A 129 4.29 -12.70 17.41
CA TRP A 129 3.66 -13.61 18.37
C TRP A 129 2.20 -13.29 18.72
N GLN A 130 1.63 -12.23 18.12
CA GLN A 130 0.21 -11.93 18.25
C GLN A 130 -0.61 -13.01 17.55
N THR A 131 -1.72 -13.41 18.16
CA THR A 131 -2.61 -14.44 17.59
C THR A 131 -3.00 -14.20 16.11
N PRO A 132 -3.45 -12.99 15.74
CA PRO A 132 -3.80 -12.79 14.33
C PRO A 132 -2.64 -12.94 13.35
N ILE A 133 -1.43 -12.57 13.77
CA ILE A 133 -0.25 -12.70 12.90
C ILE A 133 0.16 -14.17 12.76
N GLN A 134 0.07 -14.91 13.86
CA GLN A 134 0.29 -16.36 13.87
C GLN A 134 -0.70 -17.07 12.95
N ALA A 135 -1.95 -16.60 12.95
CA ALA A 135 -2.97 -17.19 12.08
C ALA A 135 -2.67 -16.94 10.59
N VAL A 136 -2.24 -15.73 10.25
CA VAL A 136 -1.83 -15.42 8.87
C VAL A 136 -0.69 -16.35 8.43
N LYS A 137 0.31 -16.52 9.29
CA LYS A 137 1.43 -17.43 9.01
C LYS A 137 0.95 -18.87 8.80
N ALA A 138 0.08 -19.35 9.69
CA ALA A 138 -0.42 -20.72 9.62
C ALA A 138 -1.22 -20.99 8.36
N VAL A 139 -2.06 -20.03 7.96
CA VAL A 139 -2.80 -20.14 6.70
C VAL A 139 -1.87 -20.24 5.49
N LEU A 140 -0.86 -19.36 5.44
CA LEU A 140 0.03 -19.29 4.29
C LEU A 140 0.92 -20.54 4.19
N GLU A 141 1.43 -20.98 5.34
CA GLU A 141 2.23 -22.22 5.42
C GLU A 141 1.42 -23.47 5.02
N SER A 142 0.12 -23.47 5.28
CA SER A 142 -0.77 -24.59 4.89
C SER A 142 -0.90 -24.82 3.38
N GLY A 143 -0.58 -23.80 2.57
CA GLY A 143 -0.70 -23.88 1.12
C GLY A 143 -2.04 -23.41 0.60
N ALA A 144 -2.92 -22.94 1.48
CA ALA A 144 -4.29 -22.55 1.14
C ALA A 144 -4.43 -21.57 -0.04
N ILE A 145 -3.49 -20.63 -0.16
CA ILE A 145 -3.54 -19.60 -1.22
C ILE A 145 -2.42 -19.73 -2.26
N GLY A 146 -1.72 -20.85 -2.26
CA GLY A 146 -0.58 -21.06 -3.16
C GLY A 146 0.64 -20.29 -2.72
N GLU A 147 1.52 -19.97 -3.67
CA GLU A 147 2.74 -19.23 -3.40
C GLU A 147 2.40 -17.74 -3.31
N PRO A 148 2.79 -17.07 -2.21
CA PRO A 148 2.54 -15.62 -2.09
C PRO A 148 3.40 -14.81 -3.07
N PHE A 149 2.80 -13.81 -3.73
CA PHE A 149 3.56 -12.90 -4.62
C PHE A 149 3.50 -11.41 -4.22
N TRP A 150 2.53 -11.04 -3.39
CA TRP A 150 2.36 -9.64 -3.02
C TRP A 150 1.80 -9.56 -1.62
N GLY A 151 2.22 -8.53 -0.88
CA GLY A 151 1.63 -8.28 0.43
C GLY A 151 1.57 -6.82 0.81
N ARG A 152 0.67 -6.50 1.74
CA ARG A 152 0.65 -5.22 2.40
C ARG A 152 0.53 -5.45 3.89
N PHE A 153 1.38 -4.76 4.66
CA PHE A 153 1.39 -4.81 6.11
C PHE A 153 1.27 -3.36 6.60
N SER A 154 0.19 -3.06 7.31
CA SER A 154 -0.23 -1.68 7.58
C SER A 154 -0.56 -1.47 9.05
N PHE A 155 0.04 -0.46 9.67
CA PHE A 155 -0.26 -0.06 11.04
C PHE A 155 -0.43 1.45 10.98
N ARG A 156 -1.69 1.89 10.91
CA ARG A 156 -2.02 3.31 10.81
C ARG A 156 -2.95 3.64 11.97
N SER A 157 -2.50 4.57 12.81
CA SER A 157 -3.09 4.84 14.11
C SER A 157 -3.05 6.32 14.44
N GLY A 158 -3.97 6.75 15.30
CA GLY A 158 -3.93 8.07 15.93
C GLY A 158 -3.85 7.98 17.44
N PHE A 159 -3.38 6.83 17.95
CA PHE A 159 -3.35 6.55 19.39
C PHE A 159 -2.26 7.38 20.07
N ASP A 160 -2.55 7.89 21.27
CA ASP A 160 -1.60 8.67 22.05
C ASP A 160 -0.61 7.73 22.77
N VAL A 161 0.34 7.19 22.01
CA VAL A 161 1.47 6.41 22.58
C VAL A 161 2.42 7.26 23.41
N PHE A 162 2.39 8.58 23.21
CA PHE A 162 3.30 9.50 23.87
C PHE A 162 3.00 9.68 25.37
N SER A 163 1.77 9.42 25.80
CA SER A 163 1.41 9.47 27.24
C SER A 163 2.25 8.47 28.05
N GLY A 164 2.14 7.19 27.69
CA GLY A 164 2.88 6.13 28.38
C GLY A 164 4.37 6.10 28.06
N GLN A 165 4.74 6.61 26.87
CA GLN A 165 6.12 6.53 26.37
C GLN A 165 6.58 7.92 25.85
N PRO A 166 6.74 8.90 26.76
CA PRO A 166 7.06 10.31 26.40
C PRO A 166 8.32 10.53 25.54
N TYR A 167 9.35 9.70 25.74
CA TYR A 167 10.57 9.69 24.92
C TYR A 167 10.34 9.60 23.40
N LEU A 168 9.24 8.96 22.99
CA LEU A 168 8.87 8.85 21.57
C LEU A 168 8.68 10.20 20.87
N ALA A 169 8.28 11.23 21.64
CA ALA A 169 8.12 12.59 21.11
C ALA A 169 9.42 13.38 21.01
N GLU A 170 10.50 12.88 21.62
CA GLU A 170 11.75 13.63 21.77
C GLU A 170 12.84 13.27 20.76
N GLY A 171 12.87 12.02 20.30
CA GLY A 171 13.89 11.57 19.36
C GLY A 171 13.79 12.14 17.96
N GLU A 172 14.95 12.29 17.31
CA GLU A 172 15.03 12.67 15.89
C GLU A 172 14.43 11.56 15.03
N ARG A 173 14.67 10.32 15.43
CA ARG A 173 14.03 9.14 14.86
C ARG A 173 12.85 8.73 15.74
N PHE A 174 11.75 8.31 15.12
CA PHE A 174 10.56 7.85 15.85
C PHE A 174 9.98 6.58 15.21
N ILE A 175 9.07 6.69 14.26
CA ILE A 175 8.16 5.58 13.97
C ILE A 175 8.80 4.31 13.37
N ILE A 176 9.81 4.43 12.51
CA ILE A 176 10.45 3.22 11.94
C ILE A 176 11.18 2.43 13.05
N GLU A 177 11.98 3.14 13.84
CA GLU A 177 12.67 2.57 15.00
C GLU A 177 11.72 2.01 16.07
N ASP A 178 10.63 2.70 16.35
CA ASP A 178 9.74 2.30 17.42
C ASP A 178 8.73 1.23 16.99
N LEU A 179 8.12 1.43 15.83
CA LEU A 179 6.94 0.68 15.42
C LEU A 179 7.16 -0.09 14.12
N GLY A 180 7.72 0.60 13.11
CA GLY A 180 8.09 -0.02 11.84
C GLY A 180 8.96 -1.25 12.01
N ILE A 181 9.82 -1.22 13.03
CA ILE A 181 10.62 -2.37 13.41
C ILE A 181 9.76 -3.64 13.58
N HIS A 182 8.57 -3.49 14.19
CA HIS A 182 7.62 -4.59 14.30
C HIS A 182 7.04 -4.98 12.95
N THR A 183 6.56 -3.98 12.20
CA THR A 183 5.86 -4.23 10.95
C THR A 183 6.77 -4.88 9.90
N LEU A 184 8.02 -4.40 9.87
CA LEU A 184 9.07 -4.99 9.03
C LEU A 184 9.42 -6.43 9.45
N ASP A 185 9.40 -6.69 10.76
CA ASP A 185 9.62 -8.04 11.26
C ASP A 185 8.49 -8.97 10.81
N ILE A 186 7.24 -8.46 10.84
CA ILE A 186 6.10 -9.23 10.36
C ILE A 186 6.25 -9.52 8.87
N ALA A 187 6.64 -8.53 8.09
CA ALA A 187 6.85 -8.72 6.64
C ALA A 187 7.84 -9.87 6.37
N ARG A 188 8.95 -9.89 7.13
CA ARG A 188 9.93 -11.00 7.05
C ARG A 188 9.36 -12.34 7.49
N PHE A 189 8.68 -12.32 8.63
CA PHE A 189 8.05 -13.51 9.19
C PHE A 189 7.09 -14.18 8.20
N ILE A 190 6.29 -13.37 7.51
CA ILE A 190 5.30 -13.87 6.55
C ILE A 190 5.89 -14.18 5.17
N LEU A 191 6.65 -13.25 4.59
CA LEU A 191 7.13 -13.38 3.19
C LEU A 191 8.63 -13.60 3.03
N GLY A 192 9.34 -13.85 4.14
CA GLY A 192 10.78 -14.11 4.10
C GLY A 192 11.67 -12.87 4.00
N ASP A 193 12.97 -13.13 4.05
CA ASP A 193 13.99 -12.08 4.10
C ASP A 193 13.98 -11.22 2.83
N VAL A 194 14.49 -10.00 2.98
CA VAL A 194 14.36 -8.93 1.99
C VAL A 194 15.69 -8.70 1.28
N ALA A 195 15.63 -8.52 -0.04
CA ALA A 195 16.82 -8.26 -0.86
C ALA A 195 17.09 -6.77 -0.95
N THR A 196 16.07 -6.00 -1.34
CA THR A 196 16.19 -4.54 -1.52
C THR A 196 14.98 -3.83 -0.93
N LEU A 197 15.17 -2.55 -0.64
CA LEU A 197 14.21 -1.77 0.14
C LEU A 197 14.27 -0.28 -0.27
N THR A 198 13.11 0.36 -0.34
CA THR A 198 13.00 1.80 -0.60
C THR A 198 11.98 2.40 0.36
N ALA A 199 12.31 3.53 0.97
CA ALA A 199 11.48 4.11 2.03
C ALA A 199 11.29 5.63 1.86
N ARG A 200 10.17 6.11 2.41
CA ARG A 200 9.82 7.53 2.45
C ARG A 200 9.26 7.83 3.82
N THR A 201 9.64 8.97 4.38
CA THR A 201 9.18 9.39 5.71
C THR A 201 8.79 10.86 5.73
N LYS A 202 7.94 11.21 6.70
CA LYS A 202 7.63 12.60 7.00
C LYS A 202 7.15 12.77 8.42
N ARG A 203 7.11 14.03 8.88
CA ARG A 203 6.55 14.38 10.18
C ARG A 203 5.30 15.21 9.97
N VAL A 204 4.16 14.69 10.43
CA VAL A 204 2.90 15.41 10.41
C VAL A 204 2.62 16.12 11.75
N ASN A 205 2.77 15.39 12.85
CA ASN A 205 2.47 15.91 14.19
C ASN A 205 3.44 17.04 14.56
N PRO A 206 2.92 18.26 14.80
CA PRO A 206 3.80 19.38 15.16
C PRO A 206 4.42 19.31 16.57
N LYS A 207 3.90 18.46 17.45
CA LYS A 207 4.40 18.34 18.83
C LYS A 207 5.61 17.39 19.03
N ILE A 208 6.13 16.80 17.96
CA ILE A 208 7.23 15.81 18.07
C ILE A 208 8.44 16.21 17.23
N LYS A 209 9.58 15.58 17.51
CA LYS A 209 10.84 15.83 16.80
C LYS A 209 11.04 14.91 15.59
N GLY A 210 10.45 13.71 15.61
CA GLY A 210 10.79 12.66 14.66
C GLY A 210 9.69 12.37 13.64
N GLU A 211 10.00 11.46 12.71
CA GLU A 211 9.07 11.08 11.65
C GLU A 211 7.96 10.19 12.21
N ASP A 212 6.70 10.52 11.89
CA ASP A 212 5.55 9.73 12.36
C ASP A 212 4.77 9.04 11.25
N VAL A 213 5.31 9.09 10.03
CA VAL A 213 4.72 8.42 8.88
C VAL A 213 5.88 7.85 8.08
N ALA A 214 5.75 6.59 7.69
CA ALA A 214 6.78 5.92 6.89
C ALA A 214 6.11 4.93 5.94
N THR A 215 6.57 4.95 4.69
CA THR A 215 6.05 4.08 3.65
C THR A 215 7.25 3.40 3.00
N ILE A 216 7.23 2.07 2.99
CA ILE A 216 8.38 1.27 2.60
C ILE A 216 7.95 0.22 1.55
N LEU A 217 8.74 0.10 0.48
CA LEU A 217 8.52 -0.88 -0.57
C LEU A 217 9.59 -1.97 -0.47
N LEU A 218 9.19 -3.22 -0.28
CA LEU A 218 10.10 -4.35 -0.08
C LEU A 218 10.17 -5.28 -1.29
N ASP A 219 11.38 -5.63 -1.70
CA ASP A 219 11.58 -6.68 -2.70
C ASP A 219 12.13 -7.89 -1.94
N HIS A 220 11.29 -8.91 -1.74
CA HIS A 220 11.69 -10.11 -1.00
C HIS A 220 12.58 -11.01 -1.85
N GLN A 221 13.45 -11.79 -1.20
CA GLN A 221 14.37 -12.70 -1.91
C GLN A 221 13.64 -13.76 -2.74
N ASN A 222 12.47 -14.21 -2.26
CA ASN A 222 11.63 -15.19 -2.98
C ASN A 222 10.83 -14.63 -4.18
N GLY A 223 11.01 -13.34 -4.50
CA GLY A 223 10.33 -12.72 -5.63
C GLY A 223 9.13 -11.85 -5.25
N ALA A 224 8.53 -12.10 -4.08
CA ALA A 224 7.38 -11.31 -3.61
C ALA A 224 7.72 -9.84 -3.42
N THR A 225 6.72 -8.99 -3.65
CA THR A 225 6.80 -7.57 -3.38
C THR A 225 5.86 -7.27 -2.22
N SER A 226 6.27 -6.38 -1.32
CA SER A 226 5.36 -5.92 -0.28
C SER A 226 5.49 -4.42 0.03
N ILE A 227 4.41 -3.90 0.60
CA ILE A 227 4.34 -2.56 1.15
C ILE A 227 4.22 -2.65 2.67
N VAL A 228 5.10 -1.93 3.37
CA VAL A 228 4.96 -1.69 4.80
C VAL A 228 4.66 -0.21 4.97
N ASP A 229 3.45 0.09 5.45
CA ASP A 229 3.05 1.48 5.64
C ASP A 229 2.63 1.68 7.09
N VAL A 230 3.29 2.64 7.75
CA VAL A 230 3.05 2.91 9.16
C VAL A 230 2.81 4.41 9.36
N SER A 231 1.96 4.72 10.34
CA SER A 231 1.60 6.09 10.67
C SER A 231 1.07 6.17 12.09
N TYR A 232 1.52 7.19 12.84
CA TYR A 232 0.91 7.60 14.11
C TYR A 232 0.16 8.94 13.98
N ALA A 233 -0.16 9.35 12.75
CA ALA A 233 -0.92 10.58 12.50
C ALA A 233 -2.21 10.31 11.68
N THR A 234 -2.75 9.10 11.80
CA THR A 234 -3.92 8.68 11.05
C THR A 234 -5.15 8.78 11.95
N LYS A 235 -6.15 9.56 11.55
CA LYS A 235 -7.34 9.83 12.37
C LYS A 235 -8.56 9.13 11.79
N LEU A 236 -8.87 7.98 12.37
CA LEU A 236 -9.97 7.13 11.90
C LEU A 236 -11.13 7.17 12.88
N GLY A 237 -12.32 6.90 12.38
CA GLY A 237 -13.54 6.86 13.23
C GLY A 237 -13.42 5.86 14.37
N THR A 238 -12.87 4.69 14.07
CA THR A 238 -12.54 3.70 15.08
C THR A 238 -11.04 3.58 15.15
N GLU A 239 -10.47 3.83 16.33
CA GLU A 239 -9.02 3.73 16.54
C GLU A 239 -8.59 2.27 16.48
N PRO A 240 -7.78 1.89 15.46
CA PRO A 240 -7.40 0.48 15.35
C PRO A 240 -6.25 -0.02 16.24
N PHE A 241 -5.59 0.86 17.01
CA PHE A 241 -4.41 0.47 17.82
C PHE A 241 -4.73 -0.79 18.67
N PRO A 242 -3.88 -1.83 18.69
CA PRO A 242 -2.57 -1.91 18.01
C PRO A 242 -2.59 -2.96 16.89
N GLU A 243 -3.65 -2.92 16.07
CA GLU A 243 -3.82 -3.91 15.02
C GLU A 243 -2.99 -3.58 13.79
N THR A 244 -2.31 -4.60 13.28
CA THR A 244 -1.66 -4.55 11.98
C THR A 244 -2.56 -5.24 10.94
N LEU A 245 -2.95 -4.51 9.90
CA LEU A 245 -3.80 -5.03 8.84
C LEU A 245 -2.93 -5.64 7.74
N ILE A 246 -3.34 -6.79 7.21
CA ILE A 246 -2.49 -7.56 6.31
C ILE A 246 -3.27 -8.07 5.11
N ASP A 247 -2.76 -7.76 3.91
CA ASP A 247 -3.24 -8.33 2.66
C ASP A 247 -2.11 -9.20 2.11
N ILE A 248 -2.44 -10.42 1.67
CA ILE A 248 -1.51 -11.25 0.93
C ILE A 248 -2.22 -11.80 -0.31
N ASP A 249 -1.58 -11.69 -1.47
CA ASP A 249 -2.06 -12.33 -2.69
C ASP A 249 -1.14 -13.49 -3.06
N GLY A 250 -1.74 -14.64 -3.35
CA GLY A 250 -1.01 -15.82 -3.81
C GLY A 250 -1.56 -16.33 -5.12
N THR A 251 -0.86 -17.30 -5.70
CA THR A 251 -1.24 -17.88 -6.99
C THR A 251 -2.63 -18.55 -7.01
N GLN A 252 -3.05 -19.08 -5.86
CA GLN A 252 -4.35 -19.77 -5.72
C GLN A 252 -5.34 -19.09 -4.78
N GLY A 253 -5.04 -17.88 -4.29
CA GLY A 253 -5.92 -17.23 -3.32
C GLY A 253 -5.43 -15.95 -2.67
N THR A 254 -6.17 -15.53 -1.66
CA THR A 254 -5.87 -14.31 -0.91
C THR A 254 -6.09 -14.48 0.59
N ILE A 255 -5.30 -13.75 1.37
CA ILE A 255 -5.55 -13.55 2.79
C ILE A 255 -5.84 -12.07 2.99
N ARG A 256 -6.89 -11.77 3.76
CA ARG A 256 -7.21 -10.39 4.13
C ARG A 256 -7.52 -10.33 5.63
N LEU A 257 -6.54 -9.82 6.39
CA LEU A 257 -6.71 -9.58 7.82
C LEU A 257 -7.08 -8.11 7.98
N SER A 258 -8.34 -7.87 8.36
CA SER A 258 -8.89 -6.51 8.42
C SER A 258 -9.23 -6.14 9.86
N GLN A 259 -9.59 -4.87 10.05
CA GLN A 259 -9.91 -4.30 11.37
C GLN A 259 -10.87 -5.18 12.18
N GLY A 260 -10.64 -5.27 13.49
CA GLY A 260 -11.43 -6.12 14.37
C GLY A 260 -11.04 -7.59 14.32
N TYR A 261 -9.82 -7.86 13.82
CA TYR A 261 -9.26 -9.22 13.73
C TYR A 261 -10.04 -10.20 12.87
N ARG A 262 -10.70 -9.67 11.83
CA ARG A 262 -11.44 -10.50 10.90
C ARG A 262 -10.48 -11.03 9.83
N LEU A 263 -10.47 -12.36 9.65
CA LEU A 263 -9.52 -13.02 8.76
C LEU A 263 -10.29 -13.70 7.61
N GLU A 264 -10.19 -13.10 6.42
CA GLU A 264 -10.80 -13.65 5.20
C GLU A 264 -9.75 -14.41 4.42
N VAL A 265 -10.02 -15.69 4.18
CA VAL A 265 -9.15 -16.53 3.37
C VAL A 265 -9.99 -17.08 2.24
N THR A 266 -9.61 -16.81 1.00
CA THR A 266 -10.28 -17.43 -0.16
C THR A 266 -9.26 -18.23 -0.94
N GLY A 267 -9.65 -19.46 -1.28
CA GLY A 267 -8.80 -20.40 -2.01
C GLY A 267 -9.60 -21.16 -3.04
N PRO A 268 -9.01 -22.23 -3.62
CA PRO A 268 -9.71 -23.02 -4.65
C PRO A 268 -11.09 -23.58 -4.22
N ASN A 269 -11.23 -23.95 -2.95
CA ASN A 269 -12.49 -24.49 -2.41
C ASN A 269 -13.55 -23.39 -2.24
N GLY A 270 -13.18 -22.29 -1.58
CA GLY A 270 -14.09 -21.16 -1.36
C GLY A 270 -13.56 -20.14 -0.34
N MET A 271 -14.45 -19.28 0.16
CA MET A 271 -14.11 -18.27 1.16
C MET A 271 -14.45 -18.74 2.58
N THR A 272 -13.57 -18.43 3.53
CA THR A 272 -13.83 -18.60 4.97
C THR A 272 -13.54 -17.29 5.71
N ILE A 273 -14.41 -16.94 6.65
CA ILE A 273 -14.20 -15.81 7.56
C ILE A 273 -13.97 -16.40 8.96
N SER A 274 -12.84 -16.05 9.57
CA SER A 274 -12.53 -16.44 10.94
C SER A 274 -12.32 -15.23 11.84
N ASP A 275 -12.55 -15.45 13.13
CA ASP A 275 -12.29 -14.47 14.16
C ASP A 275 -10.92 -14.77 14.78
N ALA A 276 -9.93 -13.95 14.42
CA ALA A 276 -8.56 -14.10 14.89
C ALA A 276 -8.26 -13.20 16.11
N SER A 277 -9.28 -12.88 16.90
CA SER A 277 -9.12 -11.99 18.04
C SER A 277 -8.17 -12.56 19.09
N PRO A 278 -7.50 -11.68 19.84
CA PRO A 278 -6.65 -12.15 20.91
C PRO A 278 -7.47 -12.48 22.14
N GLN A 279 -6.88 -13.28 23.01
CA GLN A 279 -7.42 -13.52 24.33
C GLN A 279 -7.28 -12.27 25.18
N LEU A 280 -8.01 -12.27 26.29
CA LEU A 280 -7.93 -11.20 27.26
C LEU A 280 -7.45 -11.81 28.57
N LEU A 281 -6.17 -11.60 28.88
CA LEU A 281 -5.59 -12.16 30.09
C LEU A 281 -6.12 -11.40 31.30
N SER A 282 -6.04 -12.03 32.47
CA SER A 282 -6.60 -11.47 33.72
C SER A 282 -6.08 -10.07 34.07
N TRP A 283 -4.80 -9.84 33.74
CA TRP A 283 -4.09 -8.57 34.02
C TRP A 283 -4.08 -7.58 32.84
N ALA A 284 -4.68 -7.95 31.71
CA ALA A 284 -4.61 -7.13 30.51
C ALA A 284 -5.59 -5.95 30.58
N SER A 285 -5.34 -4.94 29.74
CA SER A 285 -6.15 -3.74 29.67
C SER A 285 -6.35 -3.34 28.22
N ARG A 286 -7.59 -3.10 27.83
CA ARG A 286 -7.87 -2.52 26.53
C ARG A 286 -7.21 -1.13 26.46
N PRO A 287 -6.55 -0.74 25.37
CA PRO A 287 -6.43 -1.49 24.12
C PRO A 287 -5.10 -2.25 23.96
N TRP A 288 -4.36 -2.50 25.04
CA TRP A 288 -3.05 -3.20 24.96
C TRP A 288 -3.12 -4.72 24.94
N HIS A 289 -4.32 -5.26 25.08
CA HIS A 289 -4.52 -6.70 25.32
C HIS A 289 -3.89 -7.64 24.27
N ASN A 290 -3.92 -7.26 23.00
CA ASN A 290 -3.29 -8.05 21.94
C ASN A 290 -1.77 -8.17 22.17
N ILE A 291 -1.12 -7.03 22.45
CA ILE A 291 0.32 -6.99 22.74
C ILE A 291 0.61 -7.77 24.01
N GLN A 292 -0.22 -7.55 25.03
CA GLN A 292 -0.05 -8.20 26.32
C GLN A 292 -0.10 -9.72 26.25
N GLU A 293 -1.02 -10.28 25.47
CA GLU A 293 -1.03 -11.72 25.20
C GLU A 293 0.26 -12.19 24.57
N SER A 294 0.76 -11.42 23.59
CA SER A 294 1.98 -11.81 22.87
C SER A 294 3.24 -11.79 23.76
N VAL A 295 3.22 -10.98 24.82
CA VAL A 295 4.30 -10.93 25.80
C VAL A 295 4.38 -12.28 26.53
N LEU A 296 3.24 -12.82 26.93
CA LEU A 296 3.20 -14.16 27.52
C LEU A 296 3.70 -15.24 26.54
N ALA A 297 3.22 -15.17 25.30
CA ALA A 297 3.61 -16.12 24.24
C ALA A 297 5.12 -16.16 24.02
N ILE A 298 5.73 -14.98 23.85
CA ILE A 298 7.17 -14.92 23.61
C ILE A 298 7.99 -15.32 24.84
N GLN A 299 7.51 -14.97 26.04
CA GLN A 299 8.22 -15.34 27.27
C GLN A 299 8.08 -16.83 27.61
N GLN A 300 6.94 -17.44 27.30
CA GLN A 300 6.81 -18.91 27.36
C GLN A 300 7.69 -19.58 26.31
N HIS A 301 7.73 -19.00 25.12
CA HIS A 301 8.59 -19.49 24.03
C HIS A 301 10.05 -19.49 24.48
N TRP A 302 10.52 -18.36 24.99
CA TRP A 302 11.88 -18.24 25.56
C TRP A 302 12.17 -19.36 26.56
N THR A 303 11.26 -19.52 27.53
CA THR A 303 11.38 -20.48 28.61
C THR A 303 11.43 -21.93 28.11
N ASP A 304 10.57 -22.27 27.15
CA ASP A 304 10.58 -23.59 26.53
C ASP A 304 11.90 -23.86 25.83
N ARG A 305 12.36 -22.87 25.05
CA ARG A 305 13.60 -23.01 24.27
C ARG A 305 14.87 -23.06 25.12
N LEU A 306 14.90 -22.29 26.20
CA LEU A 306 16.01 -22.31 27.14
C LEU A 306 16.09 -23.67 27.86
N SER A 307 14.92 -24.19 28.26
CA SER A 307 14.80 -25.51 28.92
C SER A 307 15.25 -26.70 28.08
N SER A 308 14.98 -26.64 26.78
CA SER A 308 15.31 -27.71 25.83
C SER A 308 16.60 -27.47 25.06
N GLY A 309 17.14 -26.25 25.13
CA GLY A 309 18.35 -25.89 24.40
C GLY A 309 18.18 -25.64 22.91
N GLY A 310 16.97 -25.26 22.49
CA GLY A 310 16.71 -24.84 21.12
C GLY A 310 17.03 -23.37 20.92
N GLU A 311 16.99 -22.91 19.67
CA GLU A 311 17.17 -21.50 19.34
C GLU A 311 15.78 -20.83 19.32
N THR A 312 15.72 -19.54 19.64
CA THR A 312 14.47 -18.79 19.62
C THR A 312 14.15 -18.25 18.23
N SER A 313 12.89 -17.88 18.04
CA SER A 313 12.35 -17.43 16.76
C SER A 313 12.89 -16.05 16.41
N THR A 314 12.91 -15.14 17.39
CA THR A 314 13.50 -13.82 17.23
C THR A 314 14.83 -13.73 17.97
N SER A 315 15.72 -14.68 17.68
CA SER A 315 17.04 -14.71 18.26
C SER A 315 17.77 -13.45 17.80
N GLY A 316 18.79 -13.05 18.54
CA GLY A 316 19.62 -11.91 18.18
C GLY A 316 20.06 -11.98 16.72
N ALA A 317 20.52 -13.16 16.31
CA ALA A 317 20.97 -13.43 14.94
C ALA A 317 19.86 -13.22 13.90
N ASP A 318 18.68 -13.78 14.15
CA ASP A 318 17.53 -13.55 13.28
C ASP A 318 17.18 -12.06 13.21
N ASN A 319 17.17 -11.40 14.36
CA ASN A 319 16.73 -10.02 14.47
C ASN A 319 17.61 -9.04 13.70
N LEU A 320 18.88 -9.38 13.47
CA LEU A 320 19.76 -8.58 12.59
C LEU A 320 19.14 -8.34 11.21
N LYS A 321 18.42 -9.35 10.70
CA LYS A 321 17.79 -9.25 9.37
C LYS A 321 16.55 -8.37 9.37
N THR A 322 15.92 -8.19 10.54
CA THR A 322 14.89 -7.19 10.73
C THR A 322 15.53 -5.82 10.95
N PHE A 323 16.49 -5.75 11.87
CA PHE A 323 17.11 -4.46 12.21
C PHE A 323 17.77 -3.78 11.02
N ALA A 324 18.44 -4.56 10.17
CA ALA A 324 18.99 -4.07 8.90
C ALA A 324 17.97 -3.29 8.06
N LEU A 325 16.72 -3.77 8.06
CA LEU A 325 15.64 -3.13 7.31
C LEU A 325 15.30 -1.77 7.89
N VAL A 326 15.36 -1.64 9.21
CA VAL A 326 15.14 -0.36 9.88
C VAL A 326 16.22 0.66 9.48
N GLU A 327 17.48 0.26 9.60
CA GLU A 327 18.60 1.13 9.25
C GLU A 327 18.60 1.47 7.74
N ALA A 328 18.26 0.48 6.91
CA ALA A 328 18.13 0.70 5.46
C ALA A 328 17.00 1.67 5.11
N ALA A 329 15.89 1.61 5.86
CA ALA A 329 14.77 2.52 5.64
C ALA A 329 15.11 3.97 5.93
N TYR A 330 15.83 4.22 7.03
CA TYR A 330 16.31 5.57 7.34
C TYR A 330 17.29 6.08 6.29
N GLU A 331 18.24 5.23 5.91
CA GLU A 331 19.18 5.55 4.83
C GLU A 331 18.44 5.93 3.55
N SER A 332 17.54 5.06 3.11
CA SER A 332 16.76 5.26 1.87
C SER A 332 15.92 6.53 1.88
N ALA A 333 15.29 6.82 3.02
CA ALA A 333 14.45 8.01 3.16
C ALA A 333 15.25 9.31 3.06
N ALA A 334 16.50 9.29 3.52
CA ALA A 334 17.38 10.47 3.45
C ALA A 334 17.97 10.68 2.04
N ASN A 335 18.44 9.59 1.43
CA ASN A 335 19.10 9.63 0.10
C ASN A 335 18.12 9.57 -1.08
N GLY A 336 16.93 9.02 -0.84
CA GLY A 336 15.96 8.75 -1.91
C GLY A 336 16.29 7.54 -2.75
N ARG A 337 17.29 6.75 -2.33
CA ARG A 337 17.82 5.63 -3.11
C ARG A 337 17.35 4.28 -2.55
N THR A 338 17.29 3.29 -3.44
CA THR A 338 17.05 1.90 -3.04
C THR A 338 18.31 1.36 -2.36
N VAL A 339 18.12 0.54 -1.32
CA VAL A 339 19.22 0.03 -0.51
C VAL A 339 19.28 -1.50 -0.61
N ASP A 340 20.48 -2.02 -0.86
CA ASP A 340 20.74 -3.47 -0.88
C ASP A 340 20.89 -3.97 0.56
N ILE A 341 20.03 -4.88 0.96
CA ILE A 341 20.05 -5.42 2.33
C ILE A 341 21.21 -6.41 2.51
N GLY A 342 21.42 -7.28 1.51
CA GLY A 342 22.52 -8.24 1.52
C GLY A 342 23.88 -7.62 1.79
N ALA A 343 24.13 -6.46 1.19
CA ALA A 343 25.40 -5.72 1.37
C ALA A 343 25.65 -5.23 2.80
N MET A 344 24.59 -5.05 3.58
CA MET A 344 24.70 -4.60 4.96
C MET A 344 25.05 -5.71 5.94
N LEU A 345 24.68 -6.95 5.63
CA LEU A 345 24.81 -8.07 6.57
C LEU A 345 26.09 -8.88 6.36
N THR B 4 -28.89 22.23 -34.51
CA THR B 4 -28.59 22.45 -33.05
C THR B 4 -27.38 21.60 -32.53
N GLU B 5 -27.45 20.27 -32.64
CA GLU B 5 -26.44 19.38 -32.05
C GLU B 5 -25.10 19.42 -32.76
N LEU B 6 -24.02 19.25 -31.99
CA LEU B 6 -22.71 18.94 -32.56
C LEU B 6 -22.74 17.54 -33.17
N LYS B 7 -22.10 17.39 -34.32
CA LYS B 7 -22.12 16.15 -35.09
C LYS B 7 -20.76 15.46 -34.96
N GLY B 8 -20.76 14.25 -34.40
CA GLY B 8 -19.54 13.48 -34.18
C GLY B 8 -19.33 12.39 -35.21
N ALA B 9 -18.06 12.05 -35.46
CA ALA B 9 -17.69 10.84 -36.20
C ALA B 9 -16.89 9.96 -35.26
N LEU B 10 -17.30 8.69 -35.11
CA LEU B 10 -16.57 7.75 -34.27
C LEU B 10 -15.75 6.81 -35.14
N ILE B 11 -14.46 6.66 -34.81
CA ILE B 11 -13.54 5.79 -35.53
C ILE B 11 -13.11 4.65 -34.59
N GLY B 12 -13.30 3.41 -35.05
CA GLY B 12 -13.02 2.22 -34.23
C GLY B 12 -14.26 1.75 -33.52
N CYS B 13 -15.05 0.91 -34.21
CA CYS B 13 -16.34 0.40 -33.72
C CYS B 13 -16.18 -0.92 -32.98
N GLY B 14 -15.27 -0.92 -32.00
CA GLY B 14 -14.88 -2.13 -31.32
C GLY B 14 -15.73 -2.48 -30.10
N PHE B 15 -15.15 -3.27 -29.22
CA PHE B 15 -15.78 -3.72 -27.98
C PHE B 15 -16.27 -2.55 -27.13
N PHE B 16 -15.38 -1.61 -26.83
CA PHE B 16 -15.71 -0.52 -25.93
C PHE B 16 -16.47 0.62 -26.61
N ALA B 17 -16.26 0.82 -27.91
CA ALA B 17 -17.00 1.84 -28.67
C ALA B 17 -18.53 1.74 -28.55
N VAL B 18 -19.05 0.53 -28.38
CA VAL B 18 -20.50 0.31 -28.19
C VAL B 18 -21.00 1.15 -27.00
N ASN B 19 -20.21 1.20 -25.93
CA ASN B 19 -20.53 2.03 -24.75
C ASN B 19 -20.51 3.52 -25.06
N GLN B 20 -19.51 3.97 -25.83
CA GLN B 20 -19.39 5.36 -26.24
C GLN B 20 -20.57 5.79 -27.13
N MET B 21 -20.99 4.91 -28.04
CA MET B 21 -22.17 5.15 -28.91
C MET B 21 -23.48 5.30 -28.13
N HIS B 22 -23.74 4.39 -27.19
CA HIS B 22 -24.89 4.51 -26.30
C HIS B 22 -24.87 5.86 -25.60
N ALA B 23 -23.71 6.22 -25.06
CA ALA B 23 -23.57 7.47 -24.32
C ALA B 23 -23.80 8.69 -25.21
N TRP B 24 -23.31 8.65 -26.45
CA TRP B 24 -23.53 9.78 -27.39
C TRP B 24 -25.02 10.04 -27.63
N LYS B 25 -25.84 8.99 -27.65
CA LYS B 25 -27.31 9.16 -27.68
C LYS B 25 -27.80 9.98 -26.50
N ASP B 26 -27.36 9.58 -25.30
CA ASP B 26 -27.74 10.25 -24.06
C ASP B 26 -27.20 11.68 -23.92
N VAL B 27 -26.05 11.99 -24.52
CA VAL B 27 -25.43 13.32 -24.38
C VAL B 27 -26.32 14.41 -24.99
N LYS B 28 -26.51 15.51 -24.25
CA LYS B 28 -27.30 16.65 -24.71
C LYS B 28 -26.38 17.64 -25.43
N GLY B 29 -26.75 17.97 -26.66
CA GLY B 29 -25.96 18.87 -27.51
C GLY B 29 -25.02 18.18 -28.49
N ALA B 30 -25.02 16.85 -28.50
CA ALA B 30 -24.15 16.08 -29.41
C ALA B 30 -24.76 14.74 -29.78
N GLY B 31 -24.42 14.28 -30.98
CA GLY B 31 -24.79 12.95 -31.47
C GLY B 31 -23.80 12.51 -32.55
N ILE B 32 -23.82 11.23 -32.88
CA ILE B 32 -22.92 10.67 -33.89
C ILE B 32 -23.60 10.65 -35.25
N ALA B 33 -22.97 11.30 -36.23
CA ALA B 33 -23.45 11.35 -37.62
C ALA B 33 -22.77 10.35 -38.56
N ALA B 34 -21.62 9.80 -38.16
CA ALA B 34 -20.88 8.87 -39.01
C ALA B 34 -19.95 7.98 -38.20
N ILE B 35 -19.68 6.77 -38.72
CA ILE B 35 -18.78 5.82 -38.08
C ILE B 35 -17.77 5.26 -39.07
N CYS B 36 -16.66 4.77 -38.53
CA CYS B 36 -15.56 4.25 -39.33
C CYS B 36 -14.91 3.06 -38.63
N ASP B 37 -14.72 1.98 -39.39
CA ASP B 37 -13.97 0.83 -38.92
C ASP B 37 -13.37 0.04 -40.07
N ARG B 38 -12.18 -0.50 -39.83
CA ARG B 38 -11.44 -1.32 -40.79
C ARG B 38 -12.15 -2.65 -41.06
N ASP B 39 -12.83 -3.15 -40.04
CA ASP B 39 -13.54 -4.42 -40.07
C ASP B 39 -14.99 -4.16 -40.49
N PRO B 40 -15.39 -4.65 -41.69
CA PRO B 40 -16.78 -4.40 -42.14
C PRO B 40 -17.85 -5.13 -41.31
N LYS B 41 -17.49 -6.23 -40.64
CA LYS B 41 -18.42 -6.90 -39.71
C LYS B 41 -18.78 -6.00 -38.52
N ARG B 42 -17.78 -5.28 -37.99
CA ARG B 42 -17.99 -4.30 -36.91
C ARG B 42 -18.70 -3.04 -37.40
N LEU B 43 -18.36 -2.60 -38.61
CA LEU B 43 -19.01 -1.44 -39.23
C LEU B 43 -20.52 -1.65 -39.36
N LYS B 44 -20.93 -2.85 -39.81
CA LYS B 44 -22.36 -3.16 -39.97
C LYS B 44 -23.04 -3.37 -38.63
N LEU B 45 -22.39 -4.08 -37.72
CA LEU B 45 -22.96 -4.39 -36.41
C LEU B 45 -23.30 -3.11 -35.62
N VAL B 46 -22.34 -2.20 -35.52
CA VAL B 46 -22.53 -0.94 -34.80
C VAL B 46 -23.43 0.01 -35.60
N GLY B 47 -23.24 0.05 -36.91
CA GLY B 47 -24.07 0.87 -37.79
C GLY B 47 -25.55 0.53 -37.70
N ASP B 48 -25.86 -0.77 -37.71
CA ASP B 48 -27.25 -1.24 -37.61
C ASP B 48 -27.82 -1.04 -36.20
N GLN B 49 -27.00 -1.28 -35.17
CA GLN B 49 -27.46 -1.11 -33.78
C GLN B 49 -27.85 0.34 -33.47
N PHE B 50 -27.08 1.30 -33.97
CA PHE B 50 -27.29 2.72 -33.65
C PHE B 50 -27.90 3.55 -34.79
N GLY B 51 -28.23 2.90 -35.90
CA GLY B 51 -28.91 3.56 -37.02
C GLY B 51 -28.11 4.67 -37.68
N ILE B 52 -26.82 4.40 -37.92
CA ILE B 52 -25.91 5.37 -38.52
C ILE B 52 -25.88 5.11 -40.03
N GLU B 53 -26.31 6.11 -40.81
CA GLU B 53 -26.36 6.02 -42.27
C GLU B 53 -24.95 6.10 -42.89
N ARG B 54 -24.14 7.06 -42.44
CA ARG B 54 -22.79 7.29 -42.99
C ARG B 54 -21.77 6.32 -42.37
N ARG B 55 -21.22 5.41 -43.18
CA ARG B 55 -20.30 4.37 -42.73
C ARG B 55 -19.06 4.31 -43.63
N TYR B 56 -17.87 4.23 -43.01
CA TYR B 56 -16.61 4.28 -43.74
C TYR B 56 -15.67 3.13 -43.41
N GLY B 57 -14.96 2.64 -44.42
CA GLY B 57 -13.95 1.59 -44.28
C GLY B 57 -12.56 2.10 -43.91
N ASP B 58 -12.33 3.40 -44.05
CA ASP B 58 -11.07 4.04 -43.66
C ASP B 58 -11.28 5.49 -43.26
N ALA B 59 -10.45 5.94 -42.31
CA ALA B 59 -10.57 7.28 -41.75
C ALA B 59 -10.22 8.38 -42.75
N ALA B 60 -9.26 8.12 -43.65
CA ALA B 60 -8.87 9.11 -44.67
C ALA B 60 -10.07 9.58 -45.50
N ALA B 61 -10.93 8.64 -45.91
CA ALA B 61 -12.13 8.93 -46.71
C ALA B 61 -13.17 9.69 -45.90
N LEU B 62 -13.36 9.24 -44.66
CA LEU B 62 -14.20 9.94 -43.68
C LEU B 62 -13.81 11.41 -43.59
N PHE B 63 -12.53 11.67 -43.28
CA PHE B 63 -12.04 13.06 -43.16
C PHE B 63 -12.18 13.86 -44.45
N ALA B 64 -11.99 13.20 -45.60
CA ALA B 64 -12.13 13.85 -46.90
C ALA B 64 -13.58 14.34 -47.17
N ASP B 65 -14.57 13.52 -46.81
CA ASP B 65 -15.98 13.94 -46.91
C ASP B 65 -16.35 15.01 -45.88
N GLY B 66 -15.81 14.88 -44.66
CA GLY B 66 -16.07 15.85 -43.59
C GLY B 66 -17.53 15.84 -43.17
N GLY B 67 -18.04 17.01 -42.79
CA GLY B 67 -19.41 17.16 -42.31
C GLY B 67 -19.63 16.70 -40.89
N PHE B 68 -18.58 16.81 -40.05
CA PHE B 68 -18.69 16.58 -38.62
C PHE B 68 -17.83 17.60 -37.86
N ASP B 69 -18.25 17.92 -36.65
CA ASP B 69 -17.62 18.94 -35.80
C ASP B 69 -16.55 18.39 -34.88
N PHE B 70 -16.57 17.08 -34.64
CA PHE B 70 -15.54 16.45 -33.81
C PHE B 70 -15.40 14.97 -34.14
N VAL B 71 -14.28 14.40 -33.72
CA VAL B 71 -13.98 13.00 -33.97
C VAL B 71 -13.73 12.28 -32.63
N ASP B 72 -14.30 11.08 -32.50
CA ASP B 72 -14.12 10.25 -31.31
C ASP B 72 -13.31 9.01 -31.72
N ILE B 73 -12.05 8.95 -31.30
CA ILE B 73 -11.14 7.88 -31.69
C ILE B 73 -11.14 6.78 -30.62
N ALA B 74 -11.78 5.65 -30.94
CA ALA B 74 -11.91 4.52 -30.03
C ALA B 74 -11.21 3.26 -30.56
N THR B 75 -10.16 3.48 -31.35
CA THR B 75 -9.30 2.40 -31.82
C THR B 75 -8.30 2.00 -30.74
N THR B 76 -7.60 0.90 -30.99
CA THR B 76 -6.47 0.51 -30.15
C THR B 76 -5.29 1.48 -30.40
N VAL B 77 -4.29 1.41 -29.54
CA VAL B 77 -3.22 2.43 -29.48
C VAL B 77 -2.43 2.63 -30.78
N GLN B 78 -2.29 1.57 -31.57
CA GLN B 78 -1.45 1.58 -32.78
C GLN B 78 -1.79 2.73 -33.75
N SER B 79 -3.08 3.03 -33.90
CA SER B 79 -3.53 4.04 -34.86
C SER B 79 -3.86 5.42 -34.24
N HIS B 80 -3.64 5.60 -32.94
CA HIS B 80 -3.97 6.87 -32.27
C HIS B 80 -3.23 8.08 -32.86
N ARG B 81 -1.91 7.96 -33.01
CA ARG B 81 -1.11 9.09 -33.49
C ARG B 81 -1.55 9.55 -34.87
N ALA B 82 -1.68 8.61 -35.80
CA ALA B 82 -2.10 8.93 -37.15
C ALA B 82 -3.48 9.58 -37.18
N LEU B 83 -4.42 9.07 -36.40
CA LEU B 83 -5.80 9.59 -36.43
C LEU B 83 -5.91 10.99 -35.83
N VAL B 84 -5.17 11.24 -34.75
CA VAL B 84 -5.11 12.58 -34.14
C VAL B 84 -4.44 13.59 -35.09
N GLU B 85 -3.37 13.17 -35.76
CA GLU B 85 -2.72 14.00 -36.78
C GLU B 85 -3.63 14.31 -37.99
N MET B 86 -4.43 13.33 -38.41
CA MET B 86 -5.44 13.53 -39.46
C MET B 86 -6.51 14.54 -39.00
N ALA B 87 -6.92 14.42 -37.74
CA ALA B 87 -7.90 15.34 -37.16
C ALA B 87 -7.36 16.77 -37.14
N ALA B 88 -6.14 16.94 -36.65
CA ALA B 88 -5.52 18.27 -36.58
C ALA B 88 -5.31 18.89 -37.96
N ALA B 89 -4.88 18.09 -38.94
CA ALA B 89 -4.71 18.58 -40.32
C ALA B 89 -6.05 19.01 -40.96
N HIS B 90 -7.14 18.37 -40.56
CA HIS B 90 -8.50 18.73 -41.03
C HIS B 90 -9.26 19.69 -40.08
N LYS B 91 -8.56 20.26 -39.09
CA LYS B 91 -9.14 21.20 -38.12
C LYS B 91 -10.37 20.63 -37.39
N VAL B 92 -10.34 19.34 -37.05
CA VAL B 92 -11.46 18.67 -36.38
C VAL B 92 -11.09 18.38 -34.92
N PRO B 93 -11.81 18.98 -33.95
CA PRO B 93 -11.60 18.64 -32.53
C PRO B 93 -11.68 17.12 -32.29
N ALA B 94 -10.79 16.60 -31.46
CA ALA B 94 -10.55 15.16 -31.36
C ALA B 94 -10.56 14.63 -29.94
N ILE B 95 -11.27 13.51 -29.74
CA ILE B 95 -11.18 12.73 -28.51
C ILE B 95 -10.42 11.46 -28.88
N CYS B 96 -9.48 11.06 -28.02
CA CYS B 96 -8.65 9.88 -28.27
C CYS B 96 -8.66 8.95 -27.05
N GLN B 97 -8.94 7.67 -27.27
CA GLN B 97 -8.95 6.70 -26.18
C GLN B 97 -7.58 6.52 -25.57
N LYS B 98 -7.57 6.00 -24.35
CA LYS B 98 -6.34 5.55 -23.70
C LYS B 98 -5.98 4.14 -24.23
N PRO B 99 -4.72 3.71 -24.10
CA PRO B 99 -3.58 4.56 -23.80
C PRO B 99 -3.37 5.61 -24.89
N PHE B 100 -3.03 6.83 -24.50
CA PHE B 100 -2.98 7.98 -25.40
C PHE B 100 -2.12 7.69 -26.64
N ALA B 101 -0.91 7.18 -26.39
CA ALA B 101 0.05 6.88 -27.44
C ALA B 101 0.92 5.69 -27.04
N LYS B 102 1.78 5.25 -27.95
CA LYS B 102 2.73 4.16 -27.68
C LYS B 102 3.89 4.61 -26.80
N SER B 103 4.20 5.91 -26.83
CA SER B 103 5.29 6.49 -26.03
C SER B 103 4.96 7.92 -25.63
N LEU B 104 5.67 8.43 -24.63
CA LEU B 104 5.55 9.83 -24.22
C LEU B 104 5.92 10.75 -25.38
N SER B 105 7.01 10.42 -26.06
CA SER B 105 7.44 11.14 -27.26
C SER B 105 6.32 11.32 -28.31
N ASP B 106 5.59 10.25 -28.60
CA ASP B 106 4.44 10.32 -29.52
C ASP B 106 3.32 11.19 -28.96
N ALA B 107 3.04 11.04 -27.67
CA ALA B 107 1.99 11.82 -27.01
C ALA B 107 2.26 13.31 -27.11
N LYS B 108 3.48 13.72 -26.73
CA LYS B 108 3.89 15.14 -26.84
C LYS B 108 3.73 15.67 -28.26
N ALA B 109 4.11 14.87 -29.26
CA ALA B 109 3.98 15.26 -30.67
C ALA B 109 2.51 15.45 -31.06
N MET B 110 1.64 14.59 -30.56
CA MET B 110 0.20 14.69 -30.82
C MET B 110 -0.39 15.94 -30.18
N VAL B 111 0.05 16.23 -28.95
CA VAL B 111 -0.38 17.43 -28.24
C VAL B 111 0.07 18.71 -28.99
N ARG B 112 1.34 18.73 -29.40
CA ARG B 112 1.91 19.89 -30.10
C ARG B 112 1.18 20.16 -31.43
N THR B 113 0.86 19.09 -32.18
CA THR B 113 0.16 19.22 -33.44
C THR B 113 -1.26 19.80 -33.28
N CYS B 114 -1.97 19.40 -32.23
CA CYS B 114 -3.31 19.93 -31.97
C CYS B 114 -3.28 21.37 -31.44
N GLU B 115 -2.31 21.69 -30.59
CA GLU B 115 -2.06 23.09 -30.19
C GLU B 115 -1.74 24.00 -31.37
N ASN B 116 -0.95 23.50 -32.34
CA ASN B 116 -0.62 24.29 -33.56
C ASN B 116 -1.82 24.44 -34.49
N ALA B 117 -2.65 23.41 -34.59
CA ALA B 117 -3.90 23.48 -35.37
C ALA B 117 -5.03 24.23 -34.66
N ASP B 118 -4.83 24.60 -33.39
CA ASP B 118 -5.82 25.34 -32.60
C ASP B 118 -7.11 24.55 -32.45
N ILE B 119 -6.99 23.25 -32.19
CA ILE B 119 -8.16 22.39 -31.91
C ILE B 119 -8.05 21.74 -30.53
N PRO B 120 -9.21 21.53 -29.86
CA PRO B 120 -9.20 20.76 -28.61
C PRO B 120 -8.83 19.28 -28.83
N LEU B 121 -8.10 18.74 -27.85
CA LEU B 121 -7.73 17.34 -27.80
C LEU B 121 -7.98 16.86 -26.37
N MET B 122 -8.90 15.91 -26.21
CA MET B 122 -9.18 15.28 -24.92
C MET B 122 -8.84 13.79 -24.99
N VAL B 123 -8.12 13.29 -24.00
CA VAL B 123 -7.94 11.86 -23.87
C VAL B 123 -9.19 11.32 -23.16
N HIS B 124 -9.77 10.26 -23.70
CA HIS B 124 -10.90 9.59 -23.03
C HIS B 124 -10.31 8.79 -21.86
N GLU B 125 -10.17 9.49 -20.74
CA GLU B 125 -9.63 8.94 -19.51
C GLU B 125 -10.73 9.07 -18.47
N ASN B 126 -11.55 8.02 -18.35
CA ASN B 126 -12.85 8.14 -17.68
C ASN B 126 -12.88 7.70 -16.21
N PHE B 127 -11.81 7.10 -15.70
CA PHE B 127 -11.81 6.64 -14.31
C PHE B 127 -12.03 7.75 -13.29
N ARG B 128 -11.37 8.90 -13.47
CA ARG B 128 -11.59 10.08 -12.62
C ARG B 128 -13.02 10.65 -12.71
N TRP B 129 -13.73 10.34 -13.79
CA TRP B 129 -15.14 10.72 -13.95
C TRP B 129 -16.14 9.76 -13.29
N GLN B 130 -15.66 8.67 -12.68
CA GLN B 130 -16.54 7.76 -11.92
C GLN B 130 -17.13 8.48 -10.71
N THR B 131 -18.38 8.18 -10.42
CA THR B 131 -19.10 8.79 -9.30
C THR B 131 -18.35 8.68 -7.96
N PRO B 132 -17.87 7.46 -7.60
CA PRO B 132 -17.11 7.35 -6.34
C PRO B 132 -15.80 8.15 -6.32
N ILE B 133 -15.10 8.24 -7.45
CA ILE B 133 -13.85 8.98 -7.52
C ILE B 133 -14.11 10.47 -7.42
N GLN B 134 -15.13 10.94 -8.13
CA GLN B 134 -15.62 12.31 -7.98
C GLN B 134 -15.99 12.65 -6.54
N ALA B 135 -16.64 11.72 -5.86
CA ALA B 135 -17.02 11.93 -4.45
C ALA B 135 -15.80 12.11 -3.55
N VAL B 136 -14.78 11.27 -3.74
CA VAL B 136 -13.53 11.37 -2.97
C VAL B 136 -12.88 12.74 -3.19
N LYS B 137 -12.81 13.16 -4.45
CA LYS B 137 -12.28 14.48 -4.82
C LYS B 137 -13.02 15.60 -4.11
N ALA B 138 -14.36 15.54 -4.13
CA ALA B 138 -15.18 16.58 -3.49
C ALA B 138 -14.93 16.65 -1.98
N VAL B 139 -14.85 15.49 -1.32
CA VAL B 139 -14.55 15.45 0.11
C VAL B 139 -13.20 16.11 0.40
N LEU B 140 -12.18 15.74 -0.37
CA LEU B 140 -10.83 16.26 -0.12
C LEU B 140 -10.77 17.77 -0.35
N GLU B 141 -11.32 18.22 -1.47
CA GLU B 141 -11.34 19.65 -1.80
C GLU B 141 -12.12 20.50 -0.80
N SER B 142 -13.11 19.91 -0.13
CA SER B 142 -13.90 20.63 0.90
C SER B 142 -13.08 21.03 2.15
N GLY B 143 -11.91 20.41 2.34
CA GLY B 143 -11.07 20.67 3.50
C GLY B 143 -11.46 19.84 4.71
N ALA B 144 -12.32 18.84 4.51
CA ALA B 144 -12.90 18.06 5.59
C ALA B 144 -11.86 17.26 6.36
N ILE B 145 -10.80 16.81 5.68
CA ILE B 145 -9.73 16.04 6.35
C ILE B 145 -8.40 16.81 6.44
N GLY B 146 -8.45 18.12 6.22
CA GLY B 146 -7.25 18.95 6.18
C GLY B 146 -6.40 18.68 4.95
N GLU B 147 -5.09 18.88 5.08
CA GLU B 147 -4.15 18.72 3.97
C GLU B 147 -3.77 17.23 3.85
N PRO B 148 -3.89 16.65 2.64
CA PRO B 148 -3.55 15.24 2.48
C PRO B 148 -2.04 15.01 2.54
N PHE B 149 -1.60 13.93 3.22
CA PHE B 149 -0.18 13.56 3.26
C PHE B 149 0.15 12.13 2.78
N TRP B 150 -0.87 11.28 2.65
CA TRP B 150 -0.66 9.91 2.23
C TRP B 150 -1.88 9.37 1.51
N GLY B 151 -1.66 8.53 0.51
CA GLY B 151 -2.74 7.84 -0.17
C GLY B 151 -2.41 6.42 -0.59
N ARG B 152 -3.44 5.60 -0.74
CA ARG B 152 -3.35 4.33 -1.44
C ARG B 152 -4.46 4.28 -2.47
N PHE B 153 -4.11 3.87 -3.68
CA PHE B 153 -5.06 3.70 -4.78
C PHE B 153 -4.87 2.29 -5.30
N SER B 154 -5.88 1.44 -5.11
CA SER B 154 -5.74 0.01 -5.29
C SER B 154 -6.81 -0.56 -6.23
N PHE B 155 -6.39 -1.26 -7.28
CA PHE B 155 -7.29 -1.99 -8.17
C PHE B 155 -6.73 -3.42 -8.25
N ARG B 156 -7.31 -4.32 -7.45
CA ARG B 156 -6.86 -5.71 -7.40
C ARG B 156 -8.05 -6.60 -7.74
N SER B 157 -7.94 -7.31 -8.86
CA SER B 157 -9.06 -8.02 -9.48
C SER B 157 -8.61 -9.37 -10.00
N GLY B 158 -9.57 -10.29 -10.09
CA GLY B 158 -9.37 -11.57 -10.80
C GLY B 158 -10.30 -11.69 -12.00
N PHE B 159 -10.79 -10.54 -12.49
CA PHE B 159 -11.82 -10.52 -13.52
C PHE B 159 -11.22 -10.92 -14.86
N ASP B 160 -11.99 -11.67 -15.64
CA ASP B 160 -11.61 -12.05 -16.99
C ASP B 160 -11.82 -10.88 -17.99
N VAL B 161 -10.92 -9.89 -17.94
CA VAL B 161 -10.87 -8.83 -18.97
C VAL B 161 -10.47 -9.33 -20.35
N PHE B 162 -9.82 -10.49 -20.40
CA PHE B 162 -9.23 -11.03 -21.61
C PHE B 162 -10.28 -11.54 -22.61
N SER B 163 -11.43 -12.00 -22.12
CA SER B 163 -12.54 -12.40 -23.00
C SER B 163 -13.00 -11.26 -23.89
N GLY B 164 -13.41 -10.16 -23.28
CA GLY B 164 -13.82 -8.97 -24.01
C GLY B 164 -12.69 -8.26 -24.76
N GLN B 165 -11.46 -8.39 -24.27
CA GLN B 165 -10.30 -7.66 -24.80
C GLN B 165 -9.06 -8.57 -24.95
N PRO B 166 -9.09 -9.51 -25.93
CA PRO B 166 -8.03 -10.54 -26.12
C PRO B 166 -6.59 -10.03 -26.31
N TYR B 167 -6.44 -8.86 -26.96
CA TYR B 167 -5.13 -8.19 -27.13
C TYR B 167 -4.36 -7.96 -25.82
N LEU B 168 -5.07 -7.83 -24.70
CA LEU B 168 -4.45 -7.68 -23.39
C LEU B 168 -3.54 -8.84 -22.99
N ALA B 169 -3.90 -10.06 -23.41
CA ALA B 169 -3.09 -11.26 -23.15
C ALA B 169 -1.84 -11.43 -24.04
N GLU B 170 -1.70 -10.59 -25.07
CA GLU B 170 -0.67 -10.79 -26.11
C GLU B 170 0.55 -9.87 -26.00
N GLY B 171 0.36 -8.63 -25.54
CA GLY B 171 1.48 -7.68 -25.41
C GLY B 171 2.51 -8.06 -24.36
N GLU B 172 3.75 -7.64 -24.57
CA GLU B 172 4.82 -7.72 -23.55
C GLU B 172 4.51 -6.77 -22.37
N ARG B 173 3.84 -5.66 -22.69
CA ARG B 173 3.28 -4.74 -21.69
C ARG B 173 1.77 -4.97 -21.55
N PHE B 174 1.31 -5.06 -20.30
CA PHE B 174 -0.11 -5.26 -20.01
C PHE B 174 -0.61 -4.27 -18.96
N ILE B 175 -0.55 -4.62 -17.68
CA ILE B 175 -1.41 -3.95 -16.68
C ILE B 175 -1.15 -2.46 -16.47
N ILE B 176 0.11 -2.01 -16.51
CA ILE B 176 0.39 -0.58 -16.27
C ILE B 176 -0.18 0.27 -17.42
N GLU B 177 0.13 -0.15 -18.64
CA GLU B 177 -0.35 0.50 -19.88
C GLU B 177 -1.89 0.48 -19.98
N ASP B 178 -2.49 -0.67 -19.67
CA ASP B 178 -3.94 -0.85 -19.79
C ASP B 178 -4.74 -0.27 -18.60
N LEU B 179 -4.38 -0.65 -17.37
CA LEU B 179 -5.18 -0.34 -16.17
C LEU B 179 -4.52 0.67 -15.24
N GLY B 180 -3.22 0.47 -14.94
CA GLY B 180 -2.45 1.41 -14.12
C GLY B 180 -2.45 2.83 -14.64
N ILE B 181 -2.61 2.98 -15.95
CA ILE B 181 -2.80 4.30 -16.55
C ILE B 181 -4.00 5.06 -15.93
N HIS B 182 -5.06 4.34 -15.58
CA HIS B 182 -6.21 4.92 -14.86
C HIS B 182 -5.88 5.25 -13.41
N THR B 183 -5.33 4.26 -12.70
CA THR B 183 -5.02 4.39 -11.28
C THR B 183 -3.98 5.50 -11.01
N LEU B 184 -2.99 5.61 -11.88
CA LEU B 184 -2.02 6.71 -11.82
C LEU B 184 -2.69 8.06 -12.09
N ASP B 185 -3.60 8.09 -13.05
CA ASP B 185 -4.38 9.31 -13.32
C ASP B 185 -5.25 9.72 -12.13
N ILE B 186 -5.91 8.74 -11.51
CA ILE B 186 -6.65 9.00 -10.26
C ILE B 186 -5.74 9.58 -9.18
N ALA B 187 -4.56 8.98 -8.99
CA ALA B 187 -3.60 9.49 -8.00
C ALA B 187 -3.23 10.95 -8.23
N ARG B 188 -3.01 11.32 -9.49
CA ARG B 188 -2.76 12.73 -9.88
C ARG B 188 -3.96 13.62 -9.64
N PHE B 189 -5.14 13.12 -10.02
CA PHE B 189 -6.39 13.85 -9.87
C PHE B 189 -6.67 14.21 -8.40
N ILE B 190 -6.39 13.27 -7.50
CA ILE B 190 -6.66 13.44 -6.07
C ILE B 190 -5.53 14.16 -5.34
N LEU B 191 -4.27 13.71 -5.54
CA LEU B 191 -3.13 14.24 -4.78
C LEU B 191 -2.16 15.14 -5.57
N GLY B 192 -2.47 15.44 -6.82
CA GLY B 192 -1.65 16.35 -7.63
C GLY B 192 -0.49 15.67 -8.34
N ASP B 193 0.21 16.44 -9.17
CA ASP B 193 1.31 15.94 -10.01
C ASP B 193 2.44 15.30 -9.19
N VAL B 194 3.14 14.36 -9.84
CA VAL B 194 4.17 13.54 -9.21
C VAL B 194 5.57 14.06 -9.55
N ALA B 195 6.46 14.06 -8.54
CA ALA B 195 7.86 14.48 -8.70
C ALA B 195 8.73 13.30 -9.09
N THR B 196 8.64 12.23 -8.28
CA THR B 196 9.42 11.01 -8.48
C THR B 196 8.56 9.75 -8.28
N LEU B 197 9.01 8.67 -8.91
CA LEU B 197 8.25 7.43 -9.03
C LEU B 197 9.20 6.21 -8.92
N THR B 198 8.76 5.16 -8.23
CA THR B 198 9.47 3.87 -8.16
C THR B 198 8.46 2.76 -8.39
N ALA B 199 8.82 1.75 -9.18
CA ALA B 199 7.88 0.69 -9.57
C ALA B 199 8.48 -0.71 -9.61
N ARG B 200 7.64 -1.70 -9.31
CA ARG B 200 7.99 -3.12 -9.42
C ARG B 200 6.89 -3.82 -10.21
N THR B 201 7.26 -4.85 -10.96
CA THR B 201 6.30 -5.59 -11.77
C THR B 201 6.57 -7.08 -11.76
N LYS B 202 5.53 -7.84 -12.06
CA LYS B 202 5.55 -9.29 -11.96
C LYS B 202 4.48 -9.84 -12.90
N ARG B 203 4.73 -11.03 -13.44
CA ARG B 203 3.73 -11.79 -14.19
C ARG B 203 3.41 -13.07 -13.43
N VAL B 204 2.16 -13.17 -12.96
CA VAL B 204 1.66 -14.36 -12.25
C VAL B 204 0.92 -15.30 -13.20
N ASN B 205 -0.04 -14.75 -13.97
CA ASN B 205 -0.87 -15.53 -14.89
C ASN B 205 0.00 -16.19 -15.98
N PRO B 206 0.04 -17.53 -16.04
CA PRO B 206 0.86 -18.20 -17.08
C PRO B 206 0.32 -18.11 -18.51
N LYS B 207 -0.97 -17.78 -18.66
CA LYS B 207 -1.61 -17.70 -19.99
C LYS B 207 -1.37 -16.38 -20.76
N ILE B 208 -0.59 -15.45 -20.19
CA ILE B 208 -0.33 -14.14 -20.83
C ILE B 208 1.16 -13.87 -21.06
N LYS B 209 1.44 -12.87 -21.89
CA LYS B 209 2.81 -12.45 -22.22
C LYS B 209 3.36 -11.43 -21.22
N GLY B 210 2.55 -10.44 -20.84
CA GLY B 210 3.01 -9.27 -20.08
C GLY B 210 2.73 -9.28 -18.59
N GLU B 211 3.12 -8.19 -17.92
CA GLU B 211 3.02 -8.09 -16.46
C GLU B 211 1.57 -7.84 -16.04
N ASP B 212 1.11 -8.57 -15.02
CA ASP B 212 -0.26 -8.42 -14.50
C ASP B 212 -0.34 -8.01 -13.02
N VAL B 213 0.81 -7.65 -12.44
CA VAL B 213 0.91 -7.13 -11.08
C VAL B 213 1.92 -5.99 -11.15
N ALA B 214 1.53 -4.81 -10.66
CA ALA B 214 2.44 -3.66 -10.58
C ALA B 214 2.22 -2.93 -9.25
N THR B 215 3.31 -2.59 -8.59
CA THR B 215 3.28 -1.83 -7.34
C THR B 215 4.15 -0.60 -7.52
N ILE B 216 3.58 0.58 -7.26
CA ILE B 216 4.22 1.85 -7.57
C ILE B 216 4.20 2.76 -6.35
N LEU B 217 5.32 3.43 -6.08
CA LEU B 217 5.46 4.36 -4.94
C LEU B 217 5.66 5.76 -5.52
N LEU B 218 4.74 6.67 -5.22
CA LEU B 218 4.71 8.01 -5.78
C LEU B 218 5.10 9.05 -4.77
N ASP B 219 6.03 9.93 -5.14
CA ASP B 219 6.37 11.10 -4.36
C ASP B 219 5.72 12.32 -5.03
N HIS B 220 4.66 12.84 -4.44
CA HIS B 220 3.92 13.95 -5.03
C HIS B 220 4.62 15.30 -4.79
N GLN B 221 4.46 16.22 -5.72
CA GLN B 221 5.06 17.56 -5.64
C GLN B 221 4.63 18.32 -4.38
N ASN B 222 3.41 18.11 -3.91
CA ASN B 222 2.93 18.73 -2.67
C ASN B 222 3.45 18.10 -1.37
N GLY B 223 4.31 17.08 -1.47
CA GLY B 223 4.89 16.42 -0.30
C GLY B 223 4.20 15.14 0.12
N ALA B 224 3.00 14.87 -0.41
CA ALA B 224 2.31 13.62 -0.13
C ALA B 224 3.03 12.42 -0.76
N THR B 225 2.87 11.27 -0.13
CA THR B 225 3.40 9.99 -0.61
C THR B 225 2.20 9.10 -0.91
N SER B 226 2.23 8.36 -2.00
CA SER B 226 1.15 7.40 -2.26
C SER B 226 1.61 6.08 -2.86
N ILE B 227 0.77 5.07 -2.65
CA ILE B 227 0.96 3.75 -3.23
C ILE B 227 -0.11 3.56 -4.30
N VAL B 228 0.30 3.19 -5.51
CA VAL B 228 -0.61 2.72 -6.53
C VAL B 228 -0.29 1.25 -6.73
N ASP B 229 -1.23 0.37 -6.38
CA ASP B 229 -1.02 -1.06 -6.50
C ASP B 229 -2.13 -1.67 -7.33
N VAL B 230 -1.74 -2.34 -8.43
CA VAL B 230 -2.69 -2.93 -9.37
C VAL B 230 -2.38 -4.42 -9.59
N SER B 231 -3.43 -5.21 -9.80
CA SER B 231 -3.29 -6.63 -10.06
C SER B 231 -4.50 -7.16 -10.82
N TYR B 232 -4.25 -7.99 -11.83
CA TYR B 232 -5.28 -8.84 -12.45
C TYR B 232 -5.08 -10.35 -12.13
N ALA B 233 -4.30 -10.66 -11.08
CA ALA B 233 -4.12 -12.03 -10.60
C ALA B 233 -4.50 -12.18 -9.12
N THR B 234 -5.44 -11.36 -8.67
CA THR B 234 -5.91 -11.36 -7.27
C THR B 234 -7.25 -12.10 -7.18
N LYS B 235 -7.26 -13.18 -6.40
CA LYS B 235 -8.40 -14.10 -6.31
C LYS B 235 -9.14 -13.90 -4.99
N LEU B 236 -10.17 -13.05 -5.03
CA LEU B 236 -10.96 -12.71 -3.85
C LEU B 236 -12.30 -13.43 -3.84
N GLY B 237 -12.90 -13.52 -2.66
CA GLY B 237 -14.23 -14.12 -2.49
C GLY B 237 -15.35 -13.35 -3.17
N THR B 238 -15.23 -12.02 -3.15
CA THR B 238 -16.16 -11.14 -3.85
C THR B 238 -15.35 -10.33 -4.85
N GLU B 239 -15.62 -10.56 -6.15
CA GLU B 239 -14.89 -9.90 -7.24
C GLU B 239 -15.16 -8.40 -7.28
N PRO B 240 -14.13 -7.55 -7.03
CA PRO B 240 -14.39 -6.10 -6.98
C PRO B 240 -14.41 -5.34 -8.32
N PHE B 241 -14.06 -5.99 -9.43
CA PHE B 241 -14.01 -5.30 -10.73
C PHE B 241 -15.29 -4.47 -10.95
N PRO B 242 -15.19 -3.19 -11.34
CA PRO B 242 -13.98 -2.45 -11.66
C PRO B 242 -13.73 -1.33 -10.65
N GLU B 243 -13.81 -1.67 -9.38
CA GLU B 243 -13.72 -0.68 -8.32
C GLU B 243 -12.28 -0.38 -7.99
N THR B 244 -11.99 0.91 -7.84
CA THR B 244 -10.72 1.38 -7.31
C THR B 244 -10.95 1.77 -5.85
N LEU B 245 -10.20 1.15 -4.94
CA LEU B 245 -10.32 1.41 -3.51
C LEU B 245 -9.29 2.46 -3.12
N ILE B 246 -9.69 3.41 -2.27
CA ILE B 246 -8.87 4.58 -2.01
C ILE B 246 -8.81 4.88 -0.52
N ASP B 247 -7.58 4.99 -0.01
CA ASP B 247 -7.35 5.50 1.34
C ASP B 247 -6.60 6.81 1.22
N ILE B 248 -7.08 7.86 1.89
CA ILE B 248 -6.34 9.12 2.00
C ILE B 248 -6.22 9.45 3.48
N ASP B 249 -5.03 9.86 3.92
CA ASP B 249 -4.83 10.41 5.27
C ASP B 249 -4.46 11.87 5.14
N GLY B 250 -5.11 12.70 5.97
CA GLY B 250 -4.85 14.13 6.01
C GLY B 250 -4.60 14.59 7.42
N THR B 251 -4.16 15.83 7.56
CA THR B 251 -3.83 16.40 8.87
C THR B 251 -4.99 16.42 9.87
N GLN B 252 -6.23 16.47 9.39
CA GLN B 252 -7.42 16.53 10.26
C GLN B 252 -8.38 15.34 10.09
N GLY B 253 -8.00 14.33 9.31
CA GLY B 253 -8.91 13.23 9.05
C GLY B 253 -8.48 12.20 8.03
N THR B 254 -9.45 11.36 7.64
CA THR B 254 -9.23 10.29 6.69
C THR B 254 -10.41 10.09 5.77
N ILE B 255 -10.11 9.63 4.56
CA ILE B 255 -11.08 9.12 3.61
C ILE B 255 -10.76 7.63 3.40
N ARG B 256 -11.81 6.80 3.44
CA ARG B 256 -11.71 5.37 3.15
C ARG B 256 -12.88 4.98 2.23
N LEU B 257 -12.56 4.84 0.95
CA LEU B 257 -13.47 4.31 -0.05
C LEU B 257 -13.18 2.82 -0.18
N SER B 258 -14.11 1.98 0.27
CA SER B 258 -13.94 0.51 0.30
C SER B 258 -14.92 -0.20 -0.64
N GLN B 259 -14.81 -1.53 -0.72
CA GLN B 259 -15.64 -2.35 -1.62
C GLN B 259 -17.14 -2.08 -1.48
N GLY B 260 -17.86 -2.08 -2.61
CA GLY B 260 -19.27 -1.73 -2.64
C GLY B 260 -19.55 -0.23 -2.55
N TYR B 261 -18.56 0.58 -2.91
CA TYR B 261 -18.69 2.05 -2.96
C TYR B 261 -19.05 2.69 -1.62
N ARG B 262 -18.55 2.11 -0.53
CA ARG B 262 -18.72 2.62 0.81
C ARG B 262 -17.67 3.72 1.05
N LEU B 263 -18.13 4.94 1.29
CA LEU B 263 -17.26 6.11 1.44
C LEU B 263 -17.31 6.59 2.89
N GLU B 264 -16.25 6.34 3.64
CA GLU B 264 -16.18 6.69 5.06
C GLU B 264 -15.25 7.89 5.22
N VAL B 265 -15.71 8.92 5.92
CA VAL B 265 -14.92 10.14 6.11
C VAL B 265 -14.91 10.48 7.58
N THR B 266 -13.71 10.53 8.17
CA THR B 266 -13.54 10.95 9.57
C THR B 266 -12.87 12.30 9.53
N GLY B 267 -13.43 13.25 10.26
CA GLY B 267 -12.90 14.61 10.36
C GLY B 267 -12.96 15.05 11.81
N PRO B 268 -12.72 16.35 12.06
CA PRO B 268 -12.81 16.87 13.43
C PRO B 268 -14.21 16.72 14.05
N ASN B 269 -15.26 16.89 13.23
CA ASN B 269 -16.66 16.76 13.66
C ASN B 269 -17.24 15.36 13.36
N GLY B 270 -16.52 14.33 13.79
CA GLY B 270 -17.02 12.96 13.76
C GLY B 270 -16.75 12.21 12.48
N MET B 271 -17.63 11.27 12.16
CA MET B 271 -17.43 10.36 11.06
C MET B 271 -18.74 10.05 10.36
N THR B 272 -18.69 10.18 9.03
CA THR B 272 -19.84 9.95 8.17
C THR B 272 -19.54 8.78 7.24
N ILE B 273 -20.61 8.10 6.83
CA ILE B 273 -20.54 6.99 5.89
C ILE B 273 -21.58 7.31 4.82
N SER B 274 -21.21 7.17 3.55
CA SER B 274 -22.16 7.40 2.47
C SER B 274 -22.01 6.36 1.36
N ASP B 275 -23.06 6.24 0.57
CA ASP B 275 -23.08 5.37 -0.59
C ASP B 275 -22.64 6.21 -1.76
N ALA B 276 -21.45 5.92 -2.30
CA ALA B 276 -20.91 6.62 -3.46
C ALA B 276 -21.01 5.78 -4.74
N SER B 277 -22.03 4.92 -4.82
CA SER B 277 -22.18 4.03 -5.96
C SER B 277 -22.68 4.78 -7.18
N PRO B 278 -22.43 4.24 -8.38
CA PRO B 278 -22.90 4.87 -9.60
C PRO B 278 -24.38 4.63 -9.88
N GLN B 279 -24.99 5.51 -10.66
CA GLN B 279 -26.31 5.26 -11.24
C GLN B 279 -26.16 4.16 -12.31
N LEU B 280 -27.15 3.28 -12.37
CA LEU B 280 -27.22 2.25 -13.42
C LEU B 280 -28.04 2.83 -14.57
N LEU B 281 -27.38 3.10 -15.70
CA LEU B 281 -28.06 3.62 -16.88
C LEU B 281 -28.85 2.50 -17.58
N SER B 282 -29.85 2.88 -18.37
CA SER B 282 -30.73 1.90 -19.05
C SER B 282 -29.98 0.89 -19.94
N TRP B 283 -28.92 1.37 -20.60
CA TRP B 283 -28.10 0.55 -21.50
C TRP B 283 -26.91 -0.12 -20.81
N ALA B 284 -26.65 0.25 -19.55
CA ALA B 284 -25.51 -0.28 -18.79
C ALA B 284 -25.77 -1.71 -18.32
N SER B 285 -24.73 -2.33 -17.78
CA SER B 285 -24.76 -3.76 -17.46
C SER B 285 -23.71 -4.08 -16.40
N ARG B 286 -24.14 -4.69 -15.30
CA ARG B 286 -23.21 -5.11 -14.23
C ARG B 286 -22.23 -6.17 -14.74
N PRO B 287 -20.93 -6.09 -14.41
CA PRO B 287 -20.34 -5.12 -13.47
C PRO B 287 -19.73 -3.84 -14.10
N TRP B 288 -19.89 -3.66 -15.41
CA TRP B 288 -19.32 -2.51 -16.14
C TRP B 288 -19.99 -1.15 -15.87
N HIS B 289 -21.12 -1.16 -15.18
CA HIS B 289 -21.97 0.05 -15.01
C HIS B 289 -21.29 1.30 -14.42
N ASN B 290 -20.28 1.10 -13.58
CA ASN B 290 -19.50 2.22 -13.05
C ASN B 290 -18.74 2.93 -14.17
N ILE B 291 -18.00 2.14 -14.95
CA ILE B 291 -17.27 2.65 -16.11
C ILE B 291 -18.24 3.28 -17.14
N GLN B 292 -19.34 2.58 -17.40
CA GLN B 292 -20.31 3.01 -18.41
C GLN B 292 -20.95 4.36 -18.09
N GLU B 293 -21.31 4.60 -16.82
CA GLU B 293 -21.79 5.92 -16.40
C GLU B 293 -20.74 7.01 -16.68
N SER B 294 -19.48 6.72 -16.36
CA SER B 294 -18.37 7.67 -16.54
C SER B 294 -18.10 8.00 -18.02
N VAL B 295 -18.47 7.11 -18.92
CA VAL B 295 -18.41 7.37 -20.36
C VAL B 295 -19.37 8.52 -20.70
N LEU B 296 -20.60 8.45 -20.18
CA LEU B 296 -21.57 9.54 -20.36
C LEU B 296 -21.07 10.85 -19.74
N ALA B 297 -20.51 10.76 -18.54
CA ALA B 297 -19.98 11.92 -17.83
C ALA B 297 -18.89 12.65 -18.61
N ILE B 298 -17.91 11.91 -19.12
CA ILE B 298 -16.79 12.54 -19.84
C ILE B 298 -17.18 13.08 -21.23
N GLN B 299 -18.10 12.40 -21.91
CA GLN B 299 -18.56 12.82 -23.23
C GLN B 299 -19.48 14.05 -23.14
N GLN B 300 -20.29 14.12 -22.09
CA GLN B 300 -21.05 15.34 -21.78
C GLN B 300 -20.10 16.51 -21.43
N HIS B 301 -19.05 16.19 -20.69
CA HIS B 301 -18.01 17.17 -20.33
C HIS B 301 -17.33 17.74 -21.58
N TRP B 302 -16.93 16.86 -22.49
CA TRP B 302 -16.37 17.26 -23.79
C TRP B 302 -17.29 18.21 -24.53
N THR B 303 -18.55 17.80 -24.65
CA THR B 303 -19.58 18.55 -25.36
C THR B 303 -19.79 19.93 -24.75
N ASP B 304 -19.86 20.01 -23.41
CA ASP B 304 -20.01 21.29 -22.70
C ASP B 304 -18.81 22.23 -22.91
N ARG B 305 -17.61 21.67 -22.81
CA ARG B 305 -16.36 22.43 -22.99
C ARG B 305 -16.09 22.88 -24.44
N LEU B 306 -16.64 22.16 -25.41
CA LEU B 306 -16.49 22.51 -26.81
C LEU B 306 -17.35 23.75 -27.13
N SER B 307 -18.51 23.85 -26.48
CA SER B 307 -19.40 25.01 -26.60
C SER B 307 -18.86 26.26 -25.90
N SER B 308 -18.51 26.10 -24.62
CA SER B 308 -17.95 27.20 -23.81
C SER B 308 -16.48 27.53 -24.12
N GLY B 309 -15.78 26.63 -24.84
CA GLY B 309 -14.41 26.88 -25.28
C GLY B 309 -13.32 26.76 -24.23
N GLY B 310 -13.60 26.07 -23.12
CA GLY B 310 -12.63 25.83 -22.06
C GLY B 310 -11.85 24.53 -22.27
N GLU B 311 -10.74 24.40 -21.56
CA GLU B 311 -9.89 23.20 -21.62
C GLU B 311 -10.56 22.06 -20.87
N THR B 312 -10.50 20.85 -21.43
CA THR B 312 -11.05 19.67 -20.75
C THR B 312 -10.14 19.23 -19.61
N SER B 313 -10.70 18.43 -18.71
CA SER B 313 -10.03 18.00 -17.48
C SER B 313 -8.91 17.02 -17.81
N THR B 314 -9.19 16.06 -18.69
CA THR B 314 -8.16 15.12 -19.19
C THR B 314 -7.78 15.48 -20.63
N SER B 315 -7.39 16.75 -20.82
CA SER B 315 -6.90 17.21 -22.12
C SER B 315 -5.61 16.50 -22.47
N GLY B 316 -5.27 16.47 -23.75
CA GLY B 316 -3.99 15.94 -24.20
C GLY B 316 -2.85 16.45 -23.33
N ALA B 317 -2.85 17.77 -23.10
CA ALA B 317 -1.80 18.43 -22.30
C ALA B 317 -1.75 17.92 -20.87
N ASP B 318 -2.90 17.79 -20.23
CA ASP B 318 -2.98 17.20 -18.89
C ASP B 318 -2.50 15.75 -18.87
N ASN B 319 -2.95 14.96 -19.85
CA ASN B 319 -2.71 13.53 -19.88
C ASN B 319 -1.24 13.13 -20.06
N LEU B 320 -0.43 14.02 -20.63
CA LEU B 320 1.03 13.82 -20.69
C LEU B 320 1.62 13.56 -19.31
N LYS B 321 1.09 14.25 -18.30
CA LYS B 321 1.57 14.08 -16.93
C LYS B 321 1.10 12.79 -16.27
N THR B 322 0.01 12.20 -16.78
CA THR B 322 -0.35 10.82 -16.42
C THR B 322 0.50 9.83 -17.20
N PHE B 323 0.62 10.04 -18.51
CA PHE B 323 1.35 9.11 -19.37
C PHE B 323 2.84 8.97 -19.01
N ALA B 324 3.46 10.08 -18.61
CA ALA B 324 4.84 10.07 -18.12
C ALA B 324 5.06 9.10 -16.96
N LEU B 325 4.05 8.97 -16.09
CA LEU B 325 4.11 8.03 -14.96
C LEU B 325 4.11 6.55 -15.43
N VAL B 326 3.29 6.24 -16.44
CA VAL B 326 3.24 4.90 -17.03
C VAL B 326 4.62 4.52 -17.58
N GLU B 327 5.19 5.39 -18.39
CA GLU B 327 6.52 5.13 -19.00
C GLU B 327 7.62 5.08 -17.93
N ALA B 328 7.53 5.97 -16.94
CA ALA B 328 8.46 5.95 -15.81
C ALA B 328 8.37 4.63 -15.01
N ALA B 329 7.15 4.13 -14.84
CA ALA B 329 6.93 2.88 -14.11
C ALA B 329 7.60 1.70 -14.79
N TYR B 330 7.50 1.62 -16.12
CA TYR B 330 8.21 0.58 -16.88
C TYR B 330 9.72 0.71 -16.79
N GLU B 331 10.22 1.94 -16.93
CA GLU B 331 11.65 2.22 -16.78
C GLU B 331 12.15 1.80 -15.40
N SER B 332 11.43 2.23 -14.36
CA SER B 332 11.77 1.91 -12.97
C SER B 332 11.77 0.41 -12.69
N ALA B 333 10.75 -0.29 -13.17
CA ALA B 333 10.63 -1.74 -12.97
C ALA B 333 11.76 -2.54 -13.60
N ALA B 334 12.25 -2.07 -14.76
CA ALA B 334 13.35 -2.72 -15.47
C ALA B 334 14.73 -2.37 -14.88
N ASN B 335 14.96 -1.08 -14.65
CA ASN B 335 16.23 -0.57 -14.10
C ASN B 335 16.37 -0.84 -12.61
N GLY B 336 15.25 -0.86 -11.88
CA GLY B 336 15.25 -0.98 -10.42
C GLY B 336 15.36 0.35 -9.68
N ARG B 337 15.41 1.46 -10.42
CA ARG B 337 15.73 2.78 -9.87
C ARG B 337 14.51 3.70 -9.77
N THR B 338 14.64 4.75 -8.95
CA THR B 338 13.66 5.83 -8.86
C THR B 338 13.80 6.74 -10.08
N VAL B 339 12.68 7.14 -10.66
CA VAL B 339 12.66 7.93 -11.91
C VAL B 339 12.14 9.34 -11.63
N ASP B 340 12.84 10.34 -12.17
CA ASP B 340 12.45 11.74 -12.07
C ASP B 340 11.43 12.05 -13.18
N ILE B 341 10.23 12.45 -12.77
CA ILE B 341 9.12 12.71 -13.71
C ILE B 341 9.30 14.07 -14.40
N GLY B 342 9.69 15.10 -13.65
CA GLY B 342 9.91 16.44 -14.19
C GLY B 342 10.88 16.47 -15.37
N ALA B 343 11.97 15.71 -15.27
CA ALA B 343 12.97 15.58 -16.34
C ALA B 343 12.44 14.93 -17.64
N MET B 344 11.40 14.11 -17.54
CA MET B 344 10.78 13.50 -18.72
C MET B 344 9.93 14.48 -19.53
N LEU B 345 9.34 15.47 -18.87
CA LEU B 345 8.41 16.41 -19.50
C LEU B 345 9.11 17.65 -20.04
PA NAD C . 10.61 3.48 30.30
O1A NAD C . 11.48 4.71 30.22
O2A NAD C . 9.20 3.60 30.83
O5B NAD C . 11.36 2.37 31.18
C5B NAD C . 12.77 2.19 31.15
C4B NAD C . 13.22 1.94 32.58
O4B NAD C . 14.56 1.46 32.56
C3B NAD C . 13.20 3.20 33.43
O3B NAD C . 12.49 2.93 34.65
C2B NAD C . 14.67 3.52 33.68
O2B NAD C . 14.88 4.07 34.98
C1B NAD C . 15.34 2.17 33.52
N9A NAD C . 16.75 2.15 33.04
C8A NAD C . 17.26 2.76 31.96
N7A NAD C . 18.58 2.46 31.84
C5A NAD C . 18.92 1.62 32.84
C6A NAD C . 20.12 0.91 33.30
N6A NAD C . 21.31 1.03 32.66
N1A NAD C . 20.02 0.12 34.40
C2A NAD C . 18.87 -0.02 35.08
N3A NAD C . 17.73 0.59 34.71
C4A NAD C . 17.69 1.41 33.63
O3 NAD C . 10.58 2.78 28.86
PN NAD C . 9.40 1.82 28.34
O1N NAD C . 8.28 2.65 27.75
O2N NAD C . 9.08 0.80 29.40
O5D NAD C . 10.16 1.13 27.12
C5D NAD C . 11.31 0.34 27.35
C4D NAD C . 11.61 -0.46 26.09
O4D NAD C . 10.48 -1.29 25.80
C3D NAD C . 11.84 0.45 24.89
O3D NAD C . 13.02 0.04 24.19
C2D NAD C . 10.60 0.29 24.04
O2D NAD C . 10.86 0.34 22.64
C1D NAD C . 10.09 -1.10 24.44
N1N NAD C . 8.64 -1.33 24.28
C2N NAD C . 8.28 -2.49 23.70
C3N NAD C . 6.95 -2.82 23.50
C7N NAD C . 6.63 -4.14 22.83
O7N NAD C . 7.36 -5.10 23.05
N7N NAD C . 5.57 -4.25 22.03
C4N NAD C . 5.97 -1.93 23.91
C5N NAD C . 6.35 -0.74 24.53
C6N NAD C . 7.71 -0.45 24.70
OXT 8A1 D . 4.49 -1.82 21.00
C 8A1 D . 5.46 -1.04 20.82
O 8A1 D . 6.63 -1.44 20.64
CA 8A1 D . 5.20 0.45 20.77
CB 8A1 D . 5.01 0.81 19.30
O1 8A1 D . 4.56 2.17 19.15
O2 8A1 D . 6.32 1.16 21.32
C3 8A1 D . 3.97 0.79 21.61
MG MG E . 5.98 -18.03 36.28
PA NAD F . -11.21 -3.54 -30.15
O1A NAD F . -10.06 -4.26 -30.81
O2A NAD F . -12.40 -4.32 -29.64
O5B NAD F . -11.76 -2.44 -31.17
C5B NAD F . -10.92 -1.55 -31.91
C4B NAD F . -11.56 -1.40 -33.29
O4B NAD F . -10.87 -0.40 -34.05
C3B NAD F . -11.52 -2.69 -34.09
O3B NAD F . -12.86 -3.06 -34.44
C2B NAD F . -10.65 -2.38 -35.30
O2B NAD F . -11.15 -3.01 -36.49
C1B NAD F . -10.69 -0.87 -35.39
N9A NAD F . -9.51 -0.18 -35.93
C8A NAD F . -8.22 -0.33 -35.57
N7A NAD F . -7.42 0.52 -36.26
C5A NAD F . -8.20 1.25 -37.07
C6A NAD F . -8.01 2.33 -38.08
N6A NAD F . -6.79 2.82 -38.37
N1A NAD F . -9.12 2.82 -38.70
C2A NAD F . -10.36 2.35 -38.43
N3A NAD F . -10.59 1.37 -37.54
C4A NAD F . -9.58 0.80 -36.84
O3 NAD F . -10.58 -2.63 -28.98
PN NAD F . -11.41 -2.18 -27.68
O1N NAD F . -11.38 -3.31 -26.68
O2N NAD F . -12.73 -1.59 -28.11
O5D NAD F . -10.47 -1.01 -27.11
C5D NAD F . -10.31 0.21 -27.83
C4D NAD F . -9.56 1.19 -26.96
O4D NAD F . -10.37 1.52 -25.83
C3D NAD F . -8.24 0.61 -26.43
O3D NAD F . -7.17 1.53 -26.65
C2D NAD F . -8.51 0.36 -24.95
O2D NAD F . -7.37 0.63 -24.13
C1D NAD F . -9.65 1.32 -24.62
N1N NAD F . -10.57 0.88 -23.55
C2N NAD F . -10.95 1.83 -22.65
C3N NAD F . -11.81 1.54 -21.61
C7N NAD F . -12.17 2.65 -20.65
O7N NAD F . -12.23 3.80 -21.08
N7N NAD F . -12.43 2.40 -19.37
C4N NAD F . -12.31 0.25 -21.49
C5N NAD F . -11.93 -0.72 -22.43
C6N NAD F . -11.07 -0.37 -23.46
OXT 8A1 G . -11.35 0.06 -18.27
C 8A1 G . -10.29 -0.23 -18.86
O 8A1 G . -9.58 0.66 -19.37
CA 8A1 G . -9.83 -1.67 -18.97
CB 8A1 G . -8.82 -1.90 -17.85
O1 8A1 G . -8.49 -3.30 -17.74
O2 8A1 G . -9.20 -1.88 -20.24
C3 8A1 G . -11.02 -2.61 -18.87
MG MG H . -26.97 12.88 -28.02
#